data_5CQ1
#
_entry.id   5CQ1
#
_cell.length_a   69.890
_cell.length_b   73.350
_cell.length_c   79.390
_cell.angle_alpha   65.280
_cell.angle_beta   69.490
_cell.angle_gamma   66.860
#
_symmetry.space_group_name_H-M   'P 1'
#
loop_
_entity.id
_entity.type
_entity.pdbx_description
1 polymer '4-alpha-glucanotransferase DPE1, chloroplastic/amyloplastic'
2 branched alpha-D-glucopyranose-(1-4)-beta-D-glucopyranose
3 non-polymer 1,2-ETHANEDIOL
4 non-polymer alpha-D-glucopyranose
5 water water
#
_entity_poly.entity_id   1
_entity_poly.type   'polypeptide(L)'
_entity_poly.pdbx_seq_one_letter_code
;MHHHHHHGKPIPNPLLGLDSTENLYFQGIDPFTMEVVSSNSTCLSSISVGEDFPSEYEQWLPVPDPESRRRAGVLLHPTS
FRGPHGIGDLGEEAFRFIDWLHSTGCSVWQVLPLVPPDEGGSPYAGQDANCGNTLLISLDELVKDGLLIKDELPQPIDAD
SVNYQTANKLKSPLITKAAKRLIDGNGELKSKLLDFRNDPSISCWLEDAAYFAAIDNTLNAYSWFEWPEPLKNRHLSALE
AIYESQKEFIDLFIAKQFLFQRQWQKVREYARRQGVDIMGDMPIYVGYHSADVWANKKHFLLNKKGFPLLVSGVPPDLFS
ETGQLWGSPLYDWKAMESDQYSWWVNRIRRAQDLYDECRIDHFRGFAGFWAVPSEAKVAMVGRWKVGPGKSLFDAISKGV
GKIKIIAEDLGVITKDVVELRKSIGAPGMAVLQFAFGGGADNPHLPHNHEVNQVVYSGTHDNDTIRGWWDTLDQEEKSKA
MKYLSIAGEDDISWSVIQAAFSSTAQTAIIPMQDILGLGSSARMNTPATEVGNWGWRIPSSTSFDNLETESDRLRDLLSL
YGRL
;
_entity_poly.pdbx_strand_id   A,B
#
# COMPACT_ATOMS: atom_id res chain seq x y z
N SER A 48 -4.54 -27.61 20.02
CA SER A 48 -3.18 -27.46 20.65
C SER A 48 -2.01 -28.09 19.83
N VAL A 49 -0.81 -27.56 20.12
CA VAL A 49 0.40 -27.78 19.31
C VAL A 49 0.73 -29.26 19.13
N GLY A 50 0.73 -29.72 17.89
CA GLY A 50 0.93 -31.13 17.59
C GLY A 50 -0.37 -31.80 17.20
N GLU A 51 -1.49 -31.40 17.79
CA GLU A 51 -2.78 -32.09 17.61
C GLU A 51 -3.43 -31.88 16.25
N ASP A 52 -4.44 -32.70 15.95
CA ASP A 52 -5.22 -32.60 14.69
C ASP A 52 -6.07 -31.33 14.64
N PHE A 53 -6.25 -30.80 13.45
CA PHE A 53 -7.19 -29.71 13.22
C PHE A 53 -8.53 -30.34 12.91
N PRO A 54 -9.64 -29.60 13.12
CA PRO A 54 -10.90 -30.09 12.56
C PRO A 54 -10.81 -30.28 11.04
N SER A 55 -11.69 -31.10 10.50
CA SER A 55 -11.68 -31.50 9.07
C SER A 55 -11.90 -30.36 8.07
N GLU A 56 -12.57 -29.29 8.50
CA GLU A 56 -12.78 -28.13 7.64
C GLU A 56 -11.62 -27.10 7.71
N TYR A 57 -10.38 -27.58 7.96
CA TYR A 57 -9.21 -26.68 7.99
C TYR A 57 -8.87 -26.19 6.58
N GLU A 58 -8.77 -27.10 5.61
CA GLU A 58 -8.46 -26.73 4.22
C GLU A 58 -9.34 -25.60 3.64
N GLN A 59 -10.59 -25.46 4.14
CA GLN A 59 -11.53 -24.44 3.67
C GLN A 59 -11.57 -23.15 4.50
N TRP A 60 -10.68 -23.03 5.49
CA TRP A 60 -10.68 -21.91 6.42
C TRP A 60 -9.86 -20.70 5.87
N LEU A 61 -10.38 -20.12 4.80
CA LEU A 61 -9.68 -19.09 4.05
C LEU A 61 -9.88 -17.66 4.58
N PRO A 62 -8.86 -16.79 4.42
CA PRO A 62 -9.08 -15.39 4.77
C PRO A 62 -10.18 -14.82 3.88
N VAL A 63 -11.02 -13.98 4.47
CA VAL A 63 -12.11 -13.36 3.76
C VAL A 63 -11.79 -11.87 3.64
N PRO A 64 -12.08 -11.26 2.48
CA PRO A 64 -11.83 -9.82 2.39
C PRO A 64 -12.64 -9.03 3.40
N ASP A 65 -11.98 -8.07 4.07
CA ASP A 65 -12.66 -7.11 4.93
C ASP A 65 -13.56 -6.20 4.06
N PRO A 66 -14.89 -6.14 4.36
CA PRO A 66 -15.81 -5.24 3.68
C PRO A 66 -15.45 -3.75 3.75
N GLU A 67 -14.82 -3.33 4.84
CA GLU A 67 -14.42 -1.92 5.02
C GLU A 67 -13.21 -1.56 4.17
N SER A 68 -12.56 -2.57 3.62
CA SER A 68 -11.43 -2.36 2.71
C SER A 68 -11.82 -2.32 1.26
N ARG A 69 -13.11 -2.28 0.92
CA ARG A 69 -13.53 -2.47 -0.45
C ARG A 69 -13.07 -1.32 -1.36
N ARG A 70 -12.45 -1.67 -2.49
CA ARG A 70 -11.95 -0.72 -3.46
C ARG A 70 -13.14 -0.17 -4.22
N ARG A 71 -13.13 1.11 -4.52
CA ARG A 71 -14.27 1.75 -5.18
C ARG A 71 -13.84 2.97 -5.98
N ALA A 72 -14.76 3.47 -6.77
CA ALA A 72 -14.51 4.70 -7.54
C ALA A 72 -15.72 5.59 -7.55
N GLY A 73 -15.51 6.83 -7.99
CA GLY A 73 -16.58 7.80 -8.11
C GLY A 73 -16.29 9.04 -8.93
N VAL A 74 -17.28 9.93 -8.99
CA VAL A 74 -17.25 11.08 -9.82
C VAL A 74 -17.53 12.32 -9.00
N LEU A 75 -16.75 13.37 -9.25
CA LEU A 75 -16.92 14.67 -8.64
C LEU A 75 -17.76 15.48 -9.63
N LEU A 76 -18.94 15.87 -9.20
CA LEU A 76 -19.88 16.67 -10.00
C LEU A 76 -20.79 17.42 -9.07
N HIS A 77 -20.74 18.74 -9.17
CA HIS A 77 -21.55 19.59 -8.30
C HIS A 77 -22.90 19.80 -8.95
N PRO A 78 -23.99 19.78 -8.17
CA PRO A 78 -25.29 19.81 -8.83
C PRO A 78 -25.62 21.07 -9.62
N THR A 79 -24.95 22.19 -9.37
CA THR A 79 -25.19 23.36 -10.19
C THR A 79 -24.83 23.14 -11.64
N SER A 80 -23.94 22.18 -11.89
CA SER A 80 -23.50 21.80 -13.23
C SER A 80 -24.52 21.03 -14.06
N PHE A 81 -25.60 20.53 -13.47
CA PHE A 81 -26.56 19.71 -14.27
C PHE A 81 -27.23 20.54 -15.34
N ARG A 82 -27.66 19.89 -16.42
CA ARG A 82 -28.42 20.58 -17.49
C ARG A 82 -29.78 21.01 -16.98
N GLY A 83 -30.42 21.88 -17.75
CA GLY A 83 -31.78 22.29 -17.48
C GLY A 83 -32.06 23.73 -17.83
N PRO A 84 -33.35 24.10 -17.83
CA PRO A 84 -33.83 25.36 -18.40
C PRO A 84 -33.78 26.61 -17.51
N HIS A 85 -33.53 26.42 -16.22
CA HIS A 85 -33.65 27.50 -15.24
C HIS A 85 -32.35 28.13 -14.81
N GLY A 86 -31.31 28.00 -15.61
CA GLY A 86 -30.12 28.82 -15.43
C GLY A 86 -29.12 28.20 -14.51
N ILE A 87 -29.47 27.07 -13.92
CA ILE A 87 -28.59 26.41 -12.98
C ILE A 87 -29.08 24.98 -12.78
N GLY A 88 -28.17 24.07 -12.45
CA GLY A 88 -28.55 22.73 -12.11
C GLY A 88 -29.37 22.69 -10.85
N ASP A 89 -30.12 21.62 -10.64
CA ASP A 89 -30.92 21.48 -9.41
C ASP A 89 -31.10 20.02 -9.01
N LEU A 90 -31.91 19.79 -7.98
CA LEU A 90 -32.08 18.46 -7.36
C LEU A 90 -33.29 17.70 -7.92
N GLY A 91 -33.66 18.05 -9.14
CA GLY A 91 -34.73 17.37 -9.86
C GLY A 91 -34.24 16.22 -10.69
N GLU A 92 -34.86 16.07 -11.84
CA GLU A 92 -34.73 14.86 -12.65
C GLU A 92 -33.27 14.57 -13.03
N GLU A 93 -32.50 15.60 -13.34
CA GLU A 93 -31.09 15.40 -13.74
C GLU A 93 -30.23 14.77 -12.65
N ALA A 94 -30.53 15.05 -11.39
CA ALA A 94 -29.83 14.38 -10.33
C ALA A 94 -30.09 12.88 -10.28
N PHE A 95 -31.33 12.48 -10.51
CA PHE A 95 -31.68 11.07 -10.48
C PHE A 95 -31.09 10.38 -11.71
N ARG A 96 -31.12 11.08 -12.84
CA ARG A 96 -30.55 10.52 -14.07
C ARG A 96 -29.06 10.33 -13.93
N PHE A 97 -28.40 11.27 -13.30
CA PHE A 97 -26.99 11.17 -13.11
C PHE A 97 -26.68 9.98 -12.20
N ILE A 98 -27.45 9.83 -11.12
CA ILE A 98 -27.31 8.68 -10.24
C ILE A 98 -27.46 7.37 -10.97
N ASP A 99 -28.43 7.28 -11.86
CA ASP A 99 -28.63 6.05 -12.67
C ASP A 99 -27.43 5.80 -13.56
N TRP A 100 -26.94 6.85 -14.20
CA TRP A 100 -25.75 6.73 -15.04
C TRP A 100 -24.51 6.33 -14.20
N LEU A 101 -24.38 6.91 -13.03
CA LEU A 101 -23.20 6.60 -12.16
C LEU A 101 -23.23 5.14 -11.79
N HIS A 102 -24.37 4.71 -11.32
CA HIS A 102 -24.57 3.31 -11.03
C HIS A 102 -24.24 2.42 -12.24
N SER A 103 -24.64 2.80 -13.44
CA SER A 103 -24.38 1.93 -14.60
C SER A 103 -22.89 1.76 -14.90
N THR A 104 -22.07 2.73 -14.50
CA THR A 104 -20.62 2.62 -14.63
C THR A 104 -19.93 1.71 -13.61
N GLY A 105 -20.60 1.37 -12.50
CA GLY A 105 -19.94 0.65 -11.43
C GLY A 105 -19.36 1.53 -10.32
N CYS A 106 -19.29 2.84 -10.54
CA CYS A 106 -18.95 3.78 -9.48
C CYS A 106 -19.90 3.72 -8.32
N SER A 107 -19.41 3.96 -7.12
CA SER A 107 -20.26 3.88 -5.96
C SER A 107 -20.11 5.08 -5.03
N VAL A 108 -19.50 6.15 -5.55
CA VAL A 108 -19.32 7.40 -4.81
C VAL A 108 -19.63 8.61 -5.73
N TRP A 109 -20.36 9.56 -5.19
CA TRP A 109 -20.61 10.83 -5.83
C TRP A 109 -20.10 11.89 -4.90
N GLN A 110 -19.13 12.66 -5.35
CA GLN A 110 -18.56 13.74 -4.54
C GLN A 110 -19.13 15.08 -5.08
N VAL A 111 -19.61 15.91 -4.13
CA VAL A 111 -20.09 17.25 -4.39
C VAL A 111 -19.22 18.26 -3.66
N LEU A 112 -19.34 19.51 -4.05
CA LEU A 112 -18.73 20.62 -3.31
C LEU A 112 -19.69 21.00 -2.18
N PRO A 113 -19.28 21.87 -1.24
CA PRO A 113 -20.22 22.26 -0.20
C PRO A 113 -21.56 22.71 -0.81
N LEU A 114 -22.64 22.31 -0.17
CA LEU A 114 -23.97 22.61 -0.65
C LEU A 114 -24.56 23.84 0.00
N VAL A 115 -23.70 24.63 0.64
CA VAL A 115 -24.12 25.89 1.31
C VAL A 115 -24.53 27.02 0.34
N PRO A 116 -25.24 28.04 0.84
CA PRO A 116 -25.46 29.20 -0.02
C PRO A 116 -24.15 29.89 -0.35
N PRO A 117 -23.83 30.03 -1.65
CA PRO A 117 -22.53 30.52 -2.10
C PRO A 117 -22.45 32.03 -1.99
N ASP A 118 -21.26 32.60 -2.19
CA ASP A 118 -21.16 34.07 -2.29
C ASP A 118 -21.66 34.48 -3.68
N GLU A 119 -21.71 35.77 -3.93
CA GLU A 119 -22.26 36.28 -5.18
C GLU A 119 -21.37 35.94 -6.41
N GLY A 120 -20.10 35.61 -6.23
CA GLY A 120 -19.28 34.99 -7.30
C GLY A 120 -19.59 33.53 -7.61
N GLY A 121 -20.46 32.90 -6.81
CA GLY A 121 -20.81 31.48 -6.93
C GLY A 121 -20.02 30.52 -6.05
N SER A 122 -19.06 31.02 -5.29
CA SER A 122 -18.15 30.14 -4.55
C SER A 122 -18.81 29.41 -3.39
N PRO A 123 -18.81 28.06 -3.44
CA PRO A 123 -19.28 27.32 -2.30
C PRO A 123 -18.36 27.36 -1.11
N TYR A 124 -17.19 27.97 -1.19
CA TYR A 124 -16.20 27.97 -0.11
C TYR A 124 -16.17 29.27 0.65
N ALA A 125 -16.93 30.26 0.17
CA ALA A 125 -17.14 31.50 0.89
C ALA A 125 -18.65 31.68 1.05
N GLY A 126 -19.26 30.65 1.63
CA GLY A 126 -20.69 30.62 1.87
C GLY A 126 -21.12 31.62 2.92
N GLN A 127 -22.41 31.90 2.90
CA GLN A 127 -23.05 32.84 3.81
C GLN A 127 -23.46 32.16 5.15
N ASP A 128 -23.42 30.84 5.14
CA ASP A 128 -23.82 30.00 6.27
C ASP A 128 -23.18 28.64 6.15
N ALA A 129 -22.74 28.08 7.26
CA ALA A 129 -22.10 26.79 7.23
C ALA A 129 -23.10 25.63 7.15
N ASN A 130 -24.35 25.82 7.52
CA ASN A 130 -25.30 24.70 7.64
C ASN A 130 -26.47 24.72 6.71
N CYS A 131 -26.91 25.89 6.29
CA CYS A 131 -28.00 26.00 5.35
C CYS A 131 -27.63 25.41 3.97
N GLY A 132 -28.65 25.04 3.20
CA GLY A 132 -28.49 24.64 1.83
C GLY A 132 -28.70 25.78 0.83
N ASN A 133 -28.12 25.63 -0.34
CA ASN A 133 -28.27 26.59 -1.41
C ASN A 133 -29.65 26.43 -2.02
N THR A 134 -30.52 27.39 -1.74
CA THR A 134 -31.89 27.31 -2.17
C THR A 134 -32.07 27.44 -3.70
N LEU A 135 -31.07 27.94 -4.40
CA LEU A 135 -31.14 27.93 -5.85
C LEU A 135 -31.00 26.55 -6.46
N LEU A 136 -30.60 25.56 -5.67
CA LEU A 136 -30.64 24.17 -6.09
C LEU A 136 -32.03 23.50 -6.05
N ILE A 137 -33.01 24.17 -5.48
CA ILE A 137 -34.34 23.64 -5.40
C ILE A 137 -34.91 23.56 -6.81
N SER A 138 -35.50 22.39 -7.12
CA SER A 138 -36.11 22.11 -8.43
C SER A 138 -37.53 22.65 -8.44
N LEU A 139 -37.87 23.46 -9.44
CA LEU A 139 -39.24 23.97 -9.58
C LEU A 139 -40.22 22.87 -9.98
N ASP A 140 -39.77 21.91 -10.81
CA ASP A 140 -40.61 20.79 -11.23
C ASP A 140 -40.99 19.93 -10.03
N GLU A 141 -40.04 19.75 -9.12
CA GLU A 141 -40.34 18.97 -7.93
C GLU A 141 -41.38 19.68 -7.08
N LEU A 142 -41.35 21.01 -7.07
CA LEU A 142 -42.31 21.75 -6.31
C LEU A 142 -43.72 21.59 -6.92
N VAL A 143 -43.78 21.46 -8.24
CA VAL A 143 -45.05 21.21 -8.91
C VAL A 143 -45.54 19.83 -8.52
N LYS A 144 -44.65 18.86 -8.44
CA LYS A 144 -45.08 17.52 -7.97
C LYS A 144 -45.65 17.58 -6.57
N ASP A 145 -45.08 18.46 -5.75
CA ASP A 145 -45.49 18.60 -4.38
C ASP A 145 -46.78 19.39 -4.27
N GLY A 146 -47.25 19.97 -5.38
CA GLY A 146 -48.45 20.76 -5.39
C GLY A 146 -48.26 22.18 -4.87
N LEU A 147 -47.01 22.67 -4.80
CA LEU A 147 -46.75 24.05 -4.34
C LEU A 147 -46.65 25.06 -5.48
N LEU A 148 -46.39 24.61 -6.71
CA LEU A 148 -46.54 25.45 -7.89
C LEU A 148 -47.38 24.69 -8.92
N ILE A 149 -47.95 25.41 -9.89
CA ILE A 149 -48.57 24.77 -11.06
C ILE A 149 -47.71 24.99 -12.31
N LYS A 150 -47.81 24.03 -13.23
CA LYS A 150 -46.99 24.02 -14.45
C LYS A 150 -47.03 25.36 -15.20
N ASP A 151 -48.18 26.03 -15.21
CA ASP A 151 -48.33 27.30 -15.94
C ASP A 151 -47.50 28.40 -15.33
N GLU A 152 -47.08 28.26 -14.07
CA GLU A 152 -46.30 29.31 -13.39
C GLU A 152 -44.82 29.20 -13.65
N LEU A 153 -44.39 28.08 -14.21
CA LEU A 153 -42.98 27.89 -14.54
C LEU A 153 -42.51 28.88 -15.61
N PRO A 154 -41.31 29.44 -15.48
CA PRO A 154 -40.85 30.46 -16.41
C PRO A 154 -40.51 29.92 -17.79
N GLN A 155 -40.38 30.80 -18.76
CA GLN A 155 -39.85 30.43 -20.06
C GLN A 155 -38.41 29.99 -19.84
N PRO A 156 -38.01 28.87 -20.48
CA PRO A 156 -36.62 28.44 -20.34
C PRO A 156 -35.63 29.50 -20.83
N ILE A 157 -34.42 29.44 -20.29
CA ILE A 157 -33.34 30.27 -20.80
C ILE A 157 -32.14 29.39 -21.05
N ASP A 158 -31.30 29.83 -21.96
CA ASP A 158 -30.11 29.09 -22.27
C ASP A 158 -29.10 29.75 -21.35
N ALA A 159 -28.38 28.91 -20.64
CA ALA A 159 -27.32 29.33 -19.76
C ALA A 159 -26.26 28.23 -19.85
N ASP A 160 -25.43 28.35 -20.88
CA ASP A 160 -24.17 27.66 -21.07
C ASP A 160 -23.43 27.45 -19.77
N SER A 161 -23.33 28.53 -19.01
CA SER A 161 -22.69 28.54 -17.72
C SER A 161 -23.64 29.14 -16.70
N VAL A 162 -23.44 28.82 -15.42
CA VAL A 162 -24.30 29.33 -14.36
C VAL A 162 -24.02 30.80 -14.20
N ASN A 163 -25.03 31.64 -14.43
CA ASN A 163 -24.95 33.01 -13.94
C ASN A 163 -25.88 33.10 -12.75
N TYR A 164 -25.33 33.37 -11.58
CA TYR A 164 -26.11 33.30 -10.35
C TYR A 164 -27.15 34.37 -10.27
N GLN A 165 -26.82 35.55 -10.79
CA GLN A 165 -27.77 36.67 -10.77
C GLN A 165 -28.97 36.28 -11.62
N THR A 166 -28.73 35.78 -12.83
CA THR A 166 -29.79 35.32 -13.70
C THR A 166 -30.64 34.21 -13.05
N ALA A 167 -30.00 33.23 -12.41
CA ALA A 167 -30.74 32.13 -11.78
C ALA A 167 -31.64 32.60 -10.64
N ASN A 168 -31.12 33.50 -9.82
CA ASN A 168 -31.87 34.07 -8.73
C ASN A 168 -33.10 34.87 -9.22
N LYS A 169 -32.93 35.71 -10.21
CA LYS A 169 -34.07 36.53 -10.72
C LYS A 169 -35.17 35.64 -11.28
N LEU A 170 -34.75 34.58 -11.96
CA LEU A 170 -35.68 33.61 -12.52
C LEU A 170 -36.36 32.76 -11.44
N LYS A 171 -35.59 32.24 -10.50
CA LYS A 171 -36.14 31.18 -9.63
C LYS A 171 -36.67 31.65 -8.28
N SER A 172 -36.07 32.65 -7.68
CA SER A 172 -36.40 33.01 -6.29
C SER A 172 -37.85 33.38 -6.09
N PRO A 173 -38.41 34.18 -6.99
CA PRO A 173 -39.82 34.54 -6.80
C PRO A 173 -40.72 33.32 -6.73
N LEU A 174 -40.39 32.29 -7.49
CA LEU A 174 -41.24 31.10 -7.52
C LEU A 174 -41.01 30.22 -6.31
N ILE A 175 -39.77 30.17 -5.81
CA ILE A 175 -39.45 29.41 -4.62
C ILE A 175 -40.16 30.04 -3.42
N THR A 176 -40.12 31.37 -3.37
CA THR A 176 -40.81 32.12 -2.35
C THR A 176 -42.31 31.86 -2.35
N LYS A 177 -42.90 31.89 -3.53
CA LYS A 177 -44.35 31.59 -3.70
C LYS A 177 -44.67 30.16 -3.23
N ALA A 178 -43.82 29.21 -3.55
CA ALA A 178 -44.02 27.83 -3.08
C ALA A 178 -43.95 27.75 -1.55
N ALA A 179 -42.94 28.40 -1.00
CA ALA A 179 -42.73 28.44 0.44
C ALA A 179 -43.92 29.09 1.13
N LYS A 180 -44.46 30.15 0.53
CA LYS A 180 -45.67 30.79 1.04
C LYS A 180 -46.91 29.85 1.07
N ARG A 181 -47.15 29.12 -0.01
CA ARG A 181 -48.26 28.15 -0.03
C ARG A 181 -48.06 27.03 0.97
N LEU A 182 -46.81 26.61 1.16
CA LEU A 182 -46.52 25.57 2.14
C LEU A 182 -46.92 26.02 3.55
N ILE A 183 -46.58 27.26 3.90
CA ILE A 183 -46.86 27.76 5.22
C ILE A 183 -48.34 28.06 5.43
N ASP A 184 -49.01 28.49 4.36
CA ASP A 184 -50.47 28.77 4.42
C ASP A 184 -51.32 27.50 4.45
N GLY A 185 -50.80 26.38 3.95
CA GLY A 185 -51.58 25.14 3.93
C GLY A 185 -51.74 24.52 5.32
N ASN A 186 -52.83 23.77 5.52
CA ASN A 186 -52.85 22.70 6.51
C ASN A 186 -52.46 21.46 5.68
N GLY A 187 -52.26 20.31 6.32
CA GLY A 187 -52.05 19.04 5.59
C GLY A 187 -50.70 18.38 5.83
N GLU A 188 -50.40 17.35 5.02
CA GLU A 188 -49.27 16.43 5.28
C GLU A 188 -47.93 17.14 5.23
N LEU A 189 -47.77 17.96 4.21
CA LEU A 189 -46.51 18.61 3.94
C LEU A 189 -46.22 19.69 5.01
N LYS A 190 -47.27 20.42 5.39
CA LYS A 190 -47.19 21.36 6.49
C LYS A 190 -46.75 20.66 7.77
N SER A 191 -47.33 19.50 8.04
CA SER A 191 -46.96 18.79 9.25
C SER A 191 -45.49 18.39 9.27
N LYS A 192 -44.93 18.10 8.10
CA LYS A 192 -43.52 17.72 8.03
C LYS A 192 -42.60 18.92 8.18
N LEU A 193 -43.09 20.10 7.83
CA LEU A 193 -42.36 21.36 8.06
C LEU A 193 -42.19 21.59 9.55
N LEU A 194 -43.28 21.36 10.29
CA LEU A 194 -43.29 21.55 11.72
C LEU A 194 -42.37 20.59 12.43
N ASP A 195 -42.32 19.33 11.97
CA ASP A 195 -41.39 18.35 12.55
C ASP A 195 -39.92 18.75 12.32
N PHE A 196 -39.63 19.14 11.09
CA PHE A 196 -38.32 19.64 10.73
C PHE A 196 -37.95 20.82 11.63
N ARG A 197 -38.87 21.75 11.77
CA ARG A 197 -38.60 23.01 12.48
C ARG A 197 -38.35 22.79 13.97
N ASN A 198 -39.16 21.91 14.57
CA ASN A 198 -39.07 21.60 16.02
C ASN A 198 -38.11 20.49 16.36
N ASP A 199 -37.55 19.84 15.34
CA ASP A 199 -36.47 18.88 15.56
C ASP A 199 -35.26 19.61 16.18
N PRO A 200 -34.83 19.21 17.39
CA PRO A 200 -33.78 19.99 18.04
C PRO A 200 -32.45 20.09 17.27
N SER A 201 -32.10 19.07 16.50
CA SER A 201 -30.83 19.07 15.77
C SER A 201 -30.91 19.92 14.49
N ILE A 202 -32.10 20.46 14.19
CA ILE A 202 -32.26 21.41 13.12
C ILE A 202 -32.23 22.81 13.73
N SER A 203 -33.03 22.99 14.77
CA SER A 203 -33.18 24.31 15.38
C SER A 203 -31.90 24.89 16.01
N CYS A 204 -30.91 24.07 16.36
CA CYS A 204 -29.70 24.59 17.00
C CYS A 204 -28.84 25.36 16.03
N TRP A 205 -29.09 25.22 14.74
CA TRP A 205 -28.50 26.12 13.76
C TRP A 205 -29.53 26.92 12.95
N LEU A 206 -30.73 26.38 12.73
CA LEU A 206 -31.68 26.98 11.79
C LEU A 206 -32.25 28.31 12.30
N GLU A 207 -32.63 28.38 13.56
CA GLU A 207 -33.21 29.60 14.09
C GLU A 207 -32.16 30.74 14.02
N ASP A 208 -30.92 30.47 14.44
CA ASP A 208 -29.88 31.49 14.37
C ASP A 208 -29.69 31.96 12.93
N ALA A 209 -29.73 31.01 12.00
CA ALA A 209 -29.53 31.35 10.61
C ALA A 209 -30.64 32.24 10.04
N ALA A 210 -31.89 31.93 10.39
CA ALA A 210 -33.06 32.68 9.96
C ALA A 210 -33.08 34.11 10.54
N TYR A 211 -32.71 34.25 11.81
CA TYR A 211 -32.68 35.59 12.42
C TYR A 211 -31.58 36.42 11.82
N PHE A 212 -30.40 35.81 11.64
CA PHE A 212 -29.28 36.51 11.02
C PHE A 212 -29.71 37.01 9.64
N ALA A 213 -30.31 36.12 8.84
CA ALA A 213 -30.76 36.50 7.50
C ALA A 213 -31.84 37.60 7.54
N ALA A 214 -32.78 37.54 8.48
CA ALA A 214 -33.80 38.58 8.63
C ALA A 214 -33.17 39.94 8.93
N ILE A 215 -32.20 39.95 9.83
CA ILE A 215 -31.56 41.19 10.19
C ILE A 215 -30.74 41.73 9.01
N ASP A 216 -29.99 40.86 8.33
CA ASP A 216 -29.18 41.26 7.17
C ASP A 216 -30.01 41.81 6.02
N ASN A 217 -31.19 41.21 5.85
CA ASN A 217 -32.19 41.69 4.90
C ASN A 217 -32.74 43.08 5.27
N THR A 218 -33.15 43.24 6.52
CA THR A 218 -33.68 44.51 7.06
C THR A 218 -32.70 45.67 7.05
N LEU A 219 -31.44 45.40 7.34
CA LEU A 219 -30.45 46.45 7.47
C LEU A 219 -29.55 46.63 6.26
N ASN A 220 -29.27 47.89 5.95
CA ASN A 220 -28.21 48.27 5.01
C ASN A 220 -26.92 48.45 5.77
N ALA A 221 -26.10 47.41 5.80
CA ALA A 221 -24.81 47.45 6.51
C ALA A 221 -23.84 46.47 5.90
N TYR A 222 -22.57 46.83 5.91
CA TYR A 222 -21.52 46.04 5.27
C TYR A 222 -21.55 44.64 5.88
N SER A 223 -21.33 44.58 7.19
CA SER A 223 -21.34 43.33 7.95
C SER A 223 -21.98 43.56 9.32
N TRP A 224 -22.10 42.49 10.09
CA TRP A 224 -22.77 42.57 11.37
C TRP A 224 -21.96 43.42 12.35
N PHE A 225 -20.68 43.61 12.09
CA PHE A 225 -19.86 44.51 12.91
C PHE A 225 -20.46 45.92 12.98
N GLU A 226 -21.09 46.33 11.88
CA GLU A 226 -21.68 47.67 11.74
C GLU A 226 -23.16 47.76 12.20
N TRP A 227 -23.72 46.64 12.64
CA TRP A 227 -25.10 46.63 13.13
C TRP A 227 -25.21 47.45 14.42
N PRO A 228 -26.37 48.07 14.65
CA PRO A 228 -26.62 48.67 15.98
C PRO A 228 -26.45 47.67 17.14
N GLU A 229 -25.91 48.15 18.26
CA GLU A 229 -25.53 47.24 19.34
C GLU A 229 -26.52 46.13 19.75
N PRO A 230 -27.79 46.44 19.96
CA PRO A 230 -28.69 45.38 20.40
C PRO A 230 -28.89 44.24 19.41
N LEU A 231 -28.83 44.52 18.12
CA LEU A 231 -28.84 43.46 17.12
C LEU A 231 -27.46 42.83 16.97
N LYS A 232 -26.43 43.66 16.98
CA LYS A 232 -25.06 43.18 16.90
C LYS A 232 -24.75 42.16 17.98
N ASN A 233 -25.13 42.46 19.22
CA ASN A 233 -24.89 41.57 20.34
C ASN A 233 -26.10 40.80 20.82
N ARG A 234 -27.08 40.66 19.94
CA ARG A 234 -28.17 39.73 20.18
C ARG A 234 -28.89 39.92 21.53
N HIS A 235 -29.22 41.14 21.86
CA HIS A 235 -30.04 41.39 23.02
C HIS A 235 -31.35 40.65 22.84
N LEU A 236 -31.83 40.03 23.92
CA LEU A 236 -32.99 39.12 23.80
C LEU A 236 -34.23 39.89 23.37
N SER A 237 -34.47 41.06 23.93
CA SER A 237 -35.65 41.81 23.51
C SER A 237 -35.51 42.34 22.07
N ALA A 238 -34.28 42.64 21.61
CA ALA A 238 -34.08 43.00 20.19
C ALA A 238 -34.44 41.84 19.26
N LEU A 239 -34.06 40.62 19.66
CA LEU A 239 -34.38 39.44 18.88
C LEU A 239 -35.86 39.18 18.84
N GLU A 240 -36.54 39.36 19.96
CA GLU A 240 -37.99 39.27 19.99
C GLU A 240 -38.66 40.31 19.05
N ALA A 241 -38.13 41.53 19.05
CA ALA A 241 -38.66 42.60 18.19
C ALA A 241 -38.44 42.25 16.72
N ILE A 242 -37.35 41.58 16.41
CA ILE A 242 -37.08 41.12 15.04
C ILE A 242 -38.05 40.06 14.59
N TYR A 243 -38.30 39.07 15.45
CA TYR A 243 -39.28 38.05 15.16
C TYR A 243 -40.65 38.64 14.85
N GLU A 244 -41.05 39.65 15.60
CA GLU A 244 -42.33 40.25 15.35
C GLU A 244 -42.38 41.02 14.04
N SER A 245 -41.32 41.77 13.73
CA SER A 245 -41.33 42.68 12.59
C SER A 245 -40.89 42.00 11.32
N GLN A 246 -40.09 40.94 11.40
CA GLN A 246 -39.70 40.18 10.22
C GLN A 246 -40.25 38.74 10.30
N LYS A 247 -41.38 38.55 10.96
CA LYS A 247 -41.98 37.20 11.06
C LYS A 247 -42.10 36.48 9.72
N GLU A 248 -42.66 37.14 8.73
CA GLU A 248 -42.85 36.51 7.42
C GLU A 248 -41.53 36.06 6.80
N PHE A 249 -40.55 36.95 6.75
CA PHE A 249 -39.26 36.62 6.18
C PHE A 249 -38.65 35.37 6.85
N ILE A 250 -38.72 35.34 8.18
CA ILE A 250 -38.19 34.22 8.95
C ILE A 250 -38.92 32.90 8.65
N ASP A 251 -40.24 32.93 8.61
CA ASP A 251 -41.01 31.74 8.30
C ASP A 251 -40.74 31.23 6.90
N LEU A 252 -40.58 32.15 5.95
CA LEU A 252 -40.25 31.77 4.56
C LEU A 252 -38.86 31.19 4.44
N PHE A 253 -37.90 31.78 5.15
CA PHE A 253 -36.54 31.30 5.14
C PHE A 253 -36.48 29.88 5.62
N ILE A 254 -37.18 29.62 6.70
CA ILE A 254 -37.23 28.30 7.30
C ILE A 254 -37.92 27.31 6.35
N ALA A 255 -39.03 27.73 5.77
CA ALA A 255 -39.74 26.90 4.82
C ALA A 255 -38.84 26.55 3.63
N LYS A 256 -38.04 27.50 3.16
CA LYS A 256 -37.14 27.23 2.05
C LYS A 256 -36.06 26.22 2.40
N GLN A 257 -35.58 26.29 3.63
CA GLN A 257 -34.63 25.31 4.09
C GLN A 257 -35.26 23.91 4.21
N PHE A 258 -36.53 23.85 4.55
CA PHE A 258 -37.26 22.59 4.59
C PHE A 258 -37.34 22.02 3.18
N LEU A 259 -37.62 22.86 2.19
CA LEU A 259 -37.77 22.38 0.82
C LEU A 259 -36.44 21.87 0.27
N PHE A 260 -35.37 22.59 0.54
CA PHE A 260 -34.04 22.09 0.18
C PHE A 260 -33.76 20.74 0.81
N GLN A 261 -34.04 20.62 2.10
CA GLN A 261 -33.78 19.41 2.86
C GLN A 261 -34.53 18.24 2.31
N ARG A 262 -35.79 18.47 2.00
CA ARG A 262 -36.64 17.44 1.49
C ARG A 262 -36.13 16.95 0.14
N GLN A 263 -35.77 17.88 -0.74
CA GLN A 263 -35.35 17.51 -2.09
C GLN A 263 -33.99 16.85 -2.04
N TRP A 264 -33.08 17.38 -1.21
CA TRP A 264 -31.79 16.72 -1.02
C TRP A 264 -31.90 15.30 -0.42
N GLN A 265 -32.75 15.14 0.58
CA GLN A 265 -32.89 13.82 1.20
C GLN A 265 -33.47 12.82 0.21
N LYS A 266 -34.33 13.28 -0.70
CA LYS A 266 -34.85 12.33 -1.71
C LYS A 266 -33.69 11.92 -2.63
N VAL A 267 -32.85 12.87 -3.04
CA VAL A 267 -31.70 12.57 -3.87
C VAL A 267 -30.81 11.58 -3.15
N ARG A 268 -30.59 11.80 -1.87
CA ARG A 268 -29.68 10.96 -1.12
C ARG A 268 -30.20 9.52 -0.87
N GLU A 269 -31.52 9.39 -0.67
CA GLU A 269 -32.12 8.07 -0.50
C GLU A 269 -32.13 7.31 -1.83
N TYR A 270 -32.34 8.04 -2.94
CA TYR A 270 -32.25 7.44 -4.25
C TYR A 270 -30.84 6.92 -4.51
N ALA A 271 -29.84 7.74 -4.21
CA ALA A 271 -28.45 7.29 -4.34
C ALA A 271 -28.19 6.00 -3.56
N ARG A 272 -28.64 5.94 -2.32
CA ARG A 272 -28.36 4.82 -1.46
C ARG A 272 -29.03 3.57 -2.01
N ARG A 273 -30.26 3.71 -2.53
CA ARG A 273 -30.94 2.59 -3.15
C ARG A 273 -30.17 2.08 -4.35
N GLN A 274 -29.45 2.94 -5.05
CA GLN A 274 -28.62 2.52 -6.18
C GLN A 274 -27.17 2.24 -5.80
N GLY A 275 -26.88 2.08 -4.53
CA GLY A 275 -25.49 1.77 -4.13
C GLY A 275 -24.47 2.93 -4.27
N VAL A 276 -24.92 4.16 -4.19
CA VAL A 276 -24.01 5.30 -4.32
C VAL A 276 -23.96 6.06 -3.02
N ASP A 277 -22.78 6.14 -2.41
CA ASP A 277 -22.55 7.00 -1.26
C ASP A 277 -22.27 8.38 -1.77
N ILE A 278 -22.67 9.39 -1.01
CA ILE A 278 -22.38 10.78 -1.34
C ILE A 278 -21.33 11.37 -0.38
N MET A 279 -20.30 11.96 -0.97
CA MET A 279 -19.20 12.55 -0.26
C MET A 279 -19.29 14.07 -0.42
N GLY A 280 -19.43 14.74 0.71
CA GLY A 280 -19.54 16.19 0.76
C GLY A 280 -18.20 16.84 1.01
N ASP A 281 -18.25 18.13 1.28
CA ASP A 281 -17.05 18.89 1.49
C ASP A 281 -17.34 20.04 2.44
N MET A 282 -16.35 20.38 3.25
CA MET A 282 -16.50 21.54 4.13
C MET A 282 -15.18 22.23 4.35
N PRO A 283 -15.19 23.54 4.19
CA PRO A 283 -14.01 24.29 4.60
C PRO A 283 -13.82 24.30 6.12
N ILE A 284 -12.58 24.25 6.58
CA ILE A 284 -12.33 24.26 8.03
C ILE A 284 -12.83 25.57 8.64
N TYR A 285 -12.66 26.69 7.95
CA TYR A 285 -13.11 27.99 8.48
C TYR A 285 -14.45 28.40 7.85
N VAL A 286 -15.20 29.22 8.57
CA VAL A 286 -16.45 29.78 8.12
C VAL A 286 -16.19 31.26 7.99
N GLY A 287 -17.01 31.98 7.21
CA GLY A 287 -16.84 33.46 7.06
C GLY A 287 -17.37 34.32 8.22
N TYR A 288 -16.81 35.52 8.36
CA TYR A 288 -17.11 36.40 9.49
C TYR A 288 -18.58 36.84 9.47
N HIS A 289 -19.04 37.27 8.31
CA HIS A 289 -20.41 37.71 8.19
C HIS A 289 -21.30 36.50 8.01
N SER A 290 -21.59 35.84 9.12
CA SER A 290 -22.48 34.69 9.13
C SER A 290 -23.07 34.53 10.51
N ALA A 291 -24.16 33.76 10.59
CA ALA A 291 -24.79 33.38 11.84
C ALA A 291 -23.84 32.54 12.69
N ASP A 292 -23.06 31.72 12.02
CA ASP A 292 -22.11 30.88 12.70
C ASP A 292 -21.22 31.66 13.64
N VAL A 293 -20.77 32.84 13.23
CA VAL A 293 -19.89 33.64 14.07
C VAL A 293 -20.69 34.53 15.00
N TRP A 294 -21.58 35.30 14.42
CA TRP A 294 -22.44 36.20 15.16
C TRP A 294 -23.15 35.57 16.34
N ALA A 295 -23.70 34.37 16.18
CA ALA A 295 -24.45 33.69 17.25
C ALA A 295 -23.59 32.85 18.20
N ASN A 296 -22.26 32.90 18.01
CA ASN A 296 -21.34 32.10 18.80
C ASN A 296 -20.04 32.84 19.00
N LYS A 297 -20.12 34.13 19.29
CA LYS A 297 -18.94 35.00 19.31
C LYS A 297 -17.84 34.47 20.24
N LYS A 298 -18.28 33.85 21.34
CA LYS A 298 -17.34 33.37 22.36
C LYS A 298 -16.50 32.20 21.84
N HIS A 299 -16.99 31.49 20.84
CA HIS A 299 -16.26 30.37 20.26
C HIS A 299 -15.19 30.81 19.23
N PHE A 300 -15.06 32.12 19.00
CA PHE A 300 -14.10 32.72 18.04
C PHE A 300 -13.16 33.71 18.73
N LEU A 301 -12.08 34.07 18.02
CA LEU A 301 -11.08 35.02 18.52
C LEU A 301 -11.42 36.44 18.06
N LEU A 302 -12.40 37.00 18.76
CA LEU A 302 -12.89 38.34 18.53
C LEU A 302 -12.49 39.23 19.72
N ASN A 303 -12.23 40.51 19.44
CA ASN A 303 -12.02 41.49 20.51
C ASN A 303 -13.34 41.84 21.23
N LYS A 304 -13.28 42.81 22.14
CA LYS A 304 -14.44 43.26 22.93
C LYS A 304 -15.54 43.84 22.03
N LYS A 305 -15.17 44.42 20.89
CA LYS A 305 -16.16 44.96 19.94
C LYS A 305 -16.66 43.93 18.91
N GLY A 306 -16.25 42.68 19.03
CA GLY A 306 -16.61 41.65 18.03
C GLY A 306 -15.82 41.64 16.72
N PHE A 307 -14.65 42.26 16.71
CA PHE A 307 -13.78 42.23 15.53
C PHE A 307 -12.71 41.16 15.73
N PRO A 308 -12.41 40.40 14.69
CA PRO A 308 -11.39 39.34 14.86
C PRO A 308 -10.05 39.92 15.30
N LEU A 309 -9.46 39.30 16.32
CA LEU A 309 -8.10 39.61 16.72
C LEU A 309 -7.15 39.06 15.65
N LEU A 310 -7.36 37.80 15.29
CA LEU A 310 -6.49 37.08 14.35
C LEU A 310 -7.35 36.47 13.23
N VAL A 311 -6.79 36.43 12.03
CA VAL A 311 -7.46 35.82 10.92
C VAL A 311 -6.61 34.73 10.27
N SER A 312 -7.27 33.92 9.46
CA SER A 312 -6.64 32.76 8.87
C SER A 312 -5.72 33.13 7.71
N GLY A 313 -4.84 32.18 7.38
CA GLY A 313 -3.93 32.27 6.23
C GLY A 313 -2.88 31.14 6.20
N VAL A 314 -1.90 31.29 5.32
CA VAL A 314 -0.72 30.43 5.27
C VAL A 314 0.49 31.26 4.91
N PRO A 315 1.67 30.89 5.44
CA PRO A 315 2.91 31.59 5.12
C PRO A 315 3.40 31.28 3.68
N PRO A 316 4.59 31.82 3.29
CA PRO A 316 5.24 31.43 2.02
C PRO A 316 5.31 29.92 1.75
N SER A 320 6.44 29.60 -3.03
CA SER A 320 6.94 30.87 -2.52
C SER A 320 5.85 31.95 -2.59
N GLU A 321 6.09 33.07 -1.89
CA GLU A 321 5.18 34.25 -1.88
C GLU A 321 5.61 35.33 -0.83
N THR A 322 4.73 36.31 -0.62
CA THR A 322 4.69 37.15 0.60
C THR A 322 3.66 36.60 1.62
N GLY A 323 3.41 35.30 1.53
CA GLY A 323 2.34 34.60 2.25
C GLY A 323 0.96 34.77 1.61
N GLN A 324 -0.03 34.02 2.12
CA GLN A 324 -1.40 34.07 1.59
C GLN A 324 -2.49 34.32 2.67
N LEU A 325 -3.16 35.47 2.56
CA LEU A 325 -4.07 35.97 3.57
C LEU A 325 -5.52 35.66 3.19
N TRP A 326 -6.12 34.69 3.88
CA TRP A 326 -7.50 34.24 3.62
C TRP A 326 -8.50 35.15 4.29
N GLY A 327 -8.18 35.50 5.53
CA GLY A 327 -8.93 36.50 6.27
C GLY A 327 -10.15 36.02 7.02
N SER A 328 -10.28 34.71 7.21
CA SER A 328 -11.38 34.16 8.01
C SER A 328 -11.09 34.32 9.47
N PRO A 329 -12.16 34.46 10.26
CA PRO A 329 -11.99 34.45 11.68
C PRO A 329 -11.45 33.11 12.11
N LEU A 330 -10.78 33.09 13.26
CA LEU A 330 -10.20 31.88 13.78
C LEU A 330 -10.99 31.41 15.00
N TYR A 331 -10.91 30.11 15.26
CA TYR A 331 -11.58 29.51 16.40
C TYR A 331 -10.82 29.79 17.69
N ASP A 332 -11.56 30.04 18.77
CA ASP A 332 -10.99 30.02 20.11
C ASP A 332 -11.07 28.57 20.61
N TRP A 333 -10.03 27.81 20.28
CA TRP A 333 -10.05 26.40 20.55
C TRP A 333 -10.15 26.04 22.04
N LYS A 334 -9.51 26.81 22.93
CA LYS A 334 -9.58 26.48 24.37
C LYS A 334 -10.92 26.85 24.97
N ALA A 335 -11.53 27.93 24.46
CA ALA A 335 -12.92 28.23 24.75
C ALA A 335 -13.83 27.07 24.32
N MET A 336 -13.63 26.58 23.10
CA MET A 336 -14.40 25.43 22.62
C MET A 336 -14.20 24.17 23.47
N GLU A 337 -12.96 23.97 23.88
CA GLU A 337 -12.61 22.87 24.77
C GLU A 337 -13.56 22.83 25.98
N SER A 338 -13.95 23.99 26.49
CA SER A 338 -14.78 24.07 27.71
C SER A 338 -16.22 23.62 27.62
N ASP A 339 -16.82 23.66 26.42
CA ASP A 339 -18.17 23.09 26.26
C ASP A 339 -18.13 21.81 25.43
N GLN A 340 -17.01 21.11 25.49
CA GLN A 340 -16.80 19.85 24.81
C GLN A 340 -16.95 19.99 23.27
N TYR A 341 -16.44 21.11 22.75
CA TYR A 341 -16.41 21.38 21.33
C TYR A 341 -17.82 21.38 20.68
N SER A 342 -18.83 21.89 21.38
CA SER A 342 -20.24 21.70 20.96
C SER A 342 -20.54 22.25 19.57
N TRP A 343 -19.85 23.33 19.20
CA TRP A 343 -20.07 24.00 17.91
C TRP A 343 -19.67 23.08 16.77
N TRP A 344 -18.48 22.51 16.89
CA TRP A 344 -17.97 21.57 15.89
C TRP A 344 -18.75 20.27 15.85
N VAL A 345 -19.20 19.80 17.01
CA VAL A 345 -20.01 18.60 17.09
C VAL A 345 -21.31 18.83 16.34
N ASN A 346 -21.93 19.98 16.52
CA ASN A 346 -23.17 20.29 15.80
C ASN A 346 -22.91 20.35 14.29
N ARG A 347 -21.77 20.93 13.91
CA ARG A 347 -21.42 21.04 12.49
C ARG A 347 -21.28 19.68 11.82
N ILE A 348 -20.63 18.74 12.50
CA ILE A 348 -20.48 17.38 11.99
C ILE A 348 -21.83 16.65 11.96
N ARG A 349 -22.70 16.93 12.91
CA ARG A 349 -24.01 16.33 12.91
C ARG A 349 -24.77 16.78 11.65
N ARG A 350 -24.66 18.05 11.30
CA ARG A 350 -25.28 18.53 10.07
C ARG A 350 -24.62 17.92 8.83
N ALA A 351 -23.29 17.85 8.81
CA ALA A 351 -22.61 17.13 7.72
C ALA A 351 -23.04 15.67 7.57
N GLN A 352 -23.31 14.97 8.67
CA GLN A 352 -23.85 13.60 8.60
C GLN A 352 -25.24 13.51 8.04
N ASP A 353 -26.01 14.54 8.31
CA ASP A 353 -27.37 14.61 7.85
C ASP A 353 -27.40 14.76 6.32
N LEU A 354 -26.43 15.47 5.78
CA LEU A 354 -26.33 15.70 4.36
C LEU A 354 -25.54 14.65 3.54
N TYR A 355 -24.47 14.10 4.14
CA TYR A 355 -23.53 13.26 3.42
C TYR A 355 -23.16 11.98 4.15
N ASP A 356 -22.83 10.94 3.39
CA ASP A 356 -22.25 9.74 3.96
C ASP A 356 -20.83 10.01 4.45
N GLU A 357 -20.12 10.90 3.76
CA GLU A 357 -18.69 11.10 4.01
C GLU A 357 -18.39 12.55 3.73
N CYS A 358 -17.33 13.07 4.32
CA CYS A 358 -17.05 14.44 4.16
C CYS A 358 -15.58 14.77 4.18
N ARG A 359 -15.14 15.47 3.16
CA ARG A 359 -13.81 15.99 3.11
C ARG A 359 -13.75 17.26 3.94
N ILE A 360 -12.63 17.48 4.62
CA ILE A 360 -12.43 18.74 5.30
C ILE A 360 -11.25 19.47 4.68
N ASP A 361 -11.54 20.61 4.08
CA ASP A 361 -10.53 21.40 3.41
C ASP A 361 -9.62 22.02 4.47
N HIS A 362 -8.31 22.01 4.22
CA HIS A 362 -7.29 22.53 5.16
C HIS A 362 -7.37 21.85 6.51
N PHE A 363 -7.38 20.53 6.46
CA PHE A 363 -7.39 19.68 7.64
C PHE A 363 -6.18 19.95 8.55
N ARG A 364 -5.06 20.39 7.96
CA ARG A 364 -3.82 20.66 8.76
C ARG A 364 -4.07 21.64 9.91
N GLY A 365 -5.07 22.50 9.73
CA GLY A 365 -5.46 23.47 10.73
C GLY A 365 -5.91 22.88 12.04
N PHE A 366 -6.25 21.59 12.05
CA PHE A 366 -6.59 20.96 13.31
C PHE A 366 -5.36 20.65 14.18
N ALA A 367 -4.19 20.61 13.55
CA ALA A 367 -2.95 20.33 14.26
C ALA A 367 -2.21 21.61 14.56
N GLY A 368 -2.07 22.47 13.56
CA GLY A 368 -1.48 23.80 13.74
C GLY A 368 -2.04 24.71 12.66
N PHE A 369 -2.25 25.99 12.99
CA PHE A 369 -2.80 26.95 12.04
C PHE A 369 -2.03 28.28 12.01
N TRP A 370 -2.01 28.92 10.85
CA TRP A 370 -1.34 30.15 10.69
C TRP A 370 -2.33 31.25 11.12
N ALA A 371 -1.84 32.15 11.95
CA ALA A 371 -2.65 33.22 12.53
C ALA A 371 -2.02 34.59 12.25
N VAL A 372 -2.78 35.42 11.54
CA VAL A 372 -2.35 36.74 11.13
C VAL A 372 -3.13 37.80 11.93
N PRO A 373 -2.43 38.86 12.41
CA PRO A 373 -3.14 39.97 13.06
C PRO A 373 -4.11 40.62 12.07
N SER A 374 -5.38 40.73 12.46
CA SER A 374 -6.44 41.23 11.55
C SER A 374 -6.07 42.61 11.02
N GLU A 375 -5.33 43.35 11.86
CA GLU A 375 -4.70 44.61 11.49
C GLU A 375 -3.97 44.54 10.14
N ALA A 376 -3.23 43.45 9.90
CA ALA A 376 -2.34 43.31 8.74
C ALA A 376 -3.04 43.16 7.39
N LYS A 377 -2.35 43.62 6.33
CA LYS A 377 -2.80 43.48 4.95
C LYS A 377 -1.92 42.49 4.16
N VAL A 378 -1.02 41.78 4.86
CA VAL A 378 -0.09 40.81 4.26
C VAL A 378 0.06 39.60 5.19
N ALA A 379 0.16 38.40 4.62
CA ALA A 379 0.17 37.16 5.41
C ALA A 379 1.47 36.87 6.17
N MET A 380 2.62 37.29 5.63
CA MET A 380 3.94 36.95 6.20
C MET A 380 4.13 37.33 7.67
N VAL A 381 3.37 38.30 8.15
CA VAL A 381 3.51 38.75 9.54
C VAL A 381 3.01 37.78 10.66
N GLY A 382 2.27 36.73 10.33
CA GLY A 382 1.67 35.91 11.38
C GLY A 382 2.54 34.93 12.14
N ARG A 383 1.91 33.95 12.80
CA ARG A 383 2.63 32.87 13.50
C ARG A 383 1.82 31.58 13.61
N TRP A 384 2.50 30.44 13.74
CA TRP A 384 1.84 29.16 13.88
C TRP A 384 1.30 29.00 15.31
N LYS A 385 0.06 28.54 15.42
CA LYS A 385 -0.55 28.25 16.71
C LYS A 385 -0.94 26.77 16.79
N VAL A 386 -1.05 26.27 18.02
CA VAL A 386 -1.37 24.87 18.28
C VAL A 386 -2.85 24.61 18.16
N GLY A 387 -3.21 23.62 17.33
CA GLY A 387 -4.60 23.23 17.13
C GLY A 387 -5.06 22.24 18.17
N PRO A 388 -6.36 21.92 18.18
CA PRO A 388 -6.96 21.06 19.20
C PRO A 388 -6.53 19.59 19.12
N GLY A 389 -6.04 19.16 17.97
CA GLY A 389 -5.64 17.78 17.81
C GLY A 389 -6.74 16.77 18.07
N LYS A 390 -6.34 15.57 18.46
CA LYS A 390 -7.26 14.43 18.52
C LYS A 390 -8.41 14.60 19.52
N SER A 391 -8.24 15.46 20.52
CA SER A 391 -9.28 15.65 21.52
C SER A 391 -10.57 16.16 20.84
N LEU A 392 -10.44 16.97 19.81
CA LEU A 392 -11.60 17.36 18.97
C LEU A 392 -12.38 16.14 18.43
N PHE A 393 -11.67 15.22 17.80
CA PHE A 393 -12.31 14.05 17.21
C PHE A 393 -12.80 13.06 18.25
N ASP A 394 -12.14 13.01 19.40
CA ASP A 394 -12.70 12.29 20.56
C ASP A 394 -14.09 12.82 20.92
N ALA A 395 -14.17 14.13 21.11
CA ALA A 395 -15.45 14.78 21.44
C ALA A 395 -16.51 14.54 20.36
N ILE A 396 -16.12 14.69 19.10
CA ILE A 396 -17.04 14.43 17.99
C ILE A 396 -17.57 12.99 17.99
N SER A 397 -16.68 12.03 18.13
CA SER A 397 -17.10 10.65 18.08
C SER A 397 -17.95 10.33 19.29
N LYS A 398 -17.59 10.89 20.44
CA LYS A 398 -18.41 10.73 21.63
C LYS A 398 -19.81 11.32 21.39
N GLY A 399 -19.86 12.45 20.69
CA GLY A 399 -21.13 13.14 20.44
C GLY A 399 -21.98 12.62 19.30
N VAL A 400 -21.34 12.14 18.24
CA VAL A 400 -22.02 11.78 16.99
C VAL A 400 -21.88 10.28 16.63
N GLY A 401 -20.88 9.61 17.19
CA GLY A 401 -20.56 8.22 16.78
C GLY A 401 -19.54 8.15 15.65
N LYS A 402 -19.66 7.11 14.83
CA LYS A 402 -18.68 6.83 13.79
C LYS A 402 -18.84 7.84 12.69
N ILE A 403 -17.73 8.42 12.28
CA ILE A 403 -17.69 9.43 11.22
C ILE A 403 -16.80 8.96 10.08
N LYS A 404 -17.03 9.47 8.89
CA LYS A 404 -16.15 9.23 7.76
C LYS A 404 -15.69 10.56 7.15
N ILE A 405 -14.47 10.91 7.52
CA ILE A 405 -13.81 12.12 7.17
C ILE A 405 -12.69 11.84 6.19
N ILE A 406 -12.48 12.73 5.22
CA ILE A 406 -11.32 12.71 4.34
C ILE A 406 -10.51 13.95 4.66
N ALA A 407 -9.21 13.78 4.91
CA ALA A 407 -8.32 14.92 5.17
C ALA A 407 -7.76 15.53 3.87
N GLU A 408 -8.06 16.80 3.59
CA GLU A 408 -7.39 17.50 2.52
C GLU A 408 -6.07 17.88 3.15
N ASP A 409 -5.00 17.26 2.67
CA ASP A 409 -3.69 17.37 3.27
C ASP A 409 -2.63 17.68 2.20
N LEU A 410 -2.98 18.49 1.21
CA LEU A 410 -2.08 18.80 0.12
C LEU A 410 -1.03 19.87 0.53
N GLY A 411 0.01 20.01 -0.30
CA GLY A 411 1.09 20.97 -0.05
C GLY A 411 2.04 20.57 1.06
N VAL A 412 2.77 21.56 1.58
CA VAL A 412 3.77 21.32 2.62
C VAL A 412 3.09 21.25 3.98
N ILE A 413 3.21 20.10 4.61
CA ILE A 413 2.55 19.81 5.88
C ILE A 413 3.57 19.21 6.82
N THR A 414 3.32 19.38 8.11
CA THR A 414 4.27 19.02 9.14
C THR A 414 3.94 17.67 9.76
N LYS A 415 4.90 17.14 10.52
CA LYS A 415 4.83 15.82 11.13
C LYS A 415 3.53 15.61 11.91
N ASP A 416 3.13 16.62 12.68
CA ASP A 416 1.93 16.54 13.52
C ASP A 416 0.63 16.38 12.70
N VAL A 417 0.63 16.89 11.48
CA VAL A 417 -0.54 16.75 10.61
C VAL A 417 -0.71 15.28 10.24
N VAL A 418 0.40 14.67 9.82
CA VAL A 418 0.40 13.27 9.41
C VAL A 418 0.02 12.38 10.58
N GLU A 419 0.57 12.66 11.76
CA GLU A 419 0.27 11.85 12.97
C GLU A 419 -1.20 12.03 13.40
N LEU A 420 -1.73 13.24 13.30
CA LEU A 420 -3.14 13.41 13.66
C LEU A 420 -4.08 12.64 12.69
N ARG A 421 -3.80 12.81 11.41
CA ARG A 421 -4.60 12.16 10.40
C ARG A 421 -4.57 10.64 10.61
N LYS A 422 -3.40 10.08 10.80
CA LYS A 422 -3.31 8.64 11.06
C LYS A 422 -4.00 8.24 12.38
N SER A 423 -3.92 9.06 13.42
CA SER A 423 -4.46 8.68 14.72
C SER A 423 -5.99 8.49 14.69
N ILE A 424 -6.69 9.20 13.81
CA ILE A 424 -8.14 9.00 13.66
C ILE A 424 -8.52 8.16 12.44
N GLY A 425 -7.52 7.69 11.70
CA GLY A 425 -7.73 6.79 10.58
C GLY A 425 -8.35 7.46 9.37
N ALA A 426 -8.19 8.76 9.22
CA ALA A 426 -8.72 9.46 8.08
C ALA A 426 -7.78 9.29 6.86
N PRO A 427 -8.36 9.01 5.70
CA PRO A 427 -7.51 8.98 4.52
C PRO A 427 -7.14 10.37 4.11
N GLY A 428 -5.99 10.48 3.46
CA GLY A 428 -5.54 11.73 2.86
C GLY A 428 -5.74 11.64 1.36
N MET A 429 -5.11 12.58 0.63
CA MET A 429 -5.33 12.72 -0.81
C MET A 429 -4.07 12.52 -1.65
N ALA A 430 -4.27 12.04 -2.87
CA ALA A 430 -3.24 12.05 -3.87
C ALA A 430 -3.92 12.63 -5.11
N VAL A 431 -3.18 13.43 -5.88
CA VAL A 431 -3.66 14.10 -7.07
C VAL A 431 -2.67 13.91 -8.22
N LEU A 432 -3.03 13.14 -9.23
CA LEU A 432 -2.07 12.74 -10.24
C LEU A 432 -1.47 13.91 -10.99
N GLN A 433 -2.22 15.01 -11.11
CA GLN A 433 -1.74 16.23 -11.80
C GLN A 433 -0.48 16.81 -11.19
N PHE A 434 -0.23 16.47 -9.93
CA PHE A 434 0.94 16.96 -9.20
C PHE A 434 2.06 15.98 -9.19
N ALA A 435 1.94 14.87 -9.90
CA ALA A 435 2.86 13.76 -9.72
C ALA A 435 4.19 13.88 -10.43
N PHE A 436 4.32 14.81 -11.38
CA PHE A 436 5.43 14.76 -12.34
C PHE A 436 6.48 15.87 -12.21
N GLY A 437 6.38 16.66 -11.15
CA GLY A 437 7.47 17.56 -10.78
C GLY A 437 8.31 16.80 -9.79
N GLY A 438 9.53 17.26 -9.62
CA GLY A 438 10.46 16.57 -8.74
C GLY A 438 10.75 15.16 -9.22
N GLY A 439 11.14 14.33 -8.28
CA GLY A 439 11.65 12.99 -8.58
C GLY A 439 10.66 11.93 -8.14
N ALA A 440 11.19 10.73 -8.01
CA ALA A 440 10.42 9.53 -7.80
C ALA A 440 9.83 9.37 -6.39
N ASP A 441 10.21 10.26 -5.47
CA ASP A 441 9.61 10.32 -4.15
C ASP A 441 8.35 11.21 -4.04
N ASN A 442 7.94 11.82 -5.15
CA ASN A 442 6.69 12.57 -5.17
C ASN A 442 5.51 11.68 -4.69
N PRO A 443 4.81 12.05 -3.59
CA PRO A 443 3.74 11.21 -2.98
C PRO A 443 2.53 10.99 -3.85
N HIS A 444 2.42 11.81 -4.88
CA HIS A 444 1.35 11.71 -5.86
C HIS A 444 1.59 10.67 -6.98
N LEU A 445 2.80 10.13 -7.07
CA LEU A 445 3.08 9.05 -8.03
C LEU A 445 2.45 7.73 -7.51
N PRO A 446 1.79 6.97 -8.40
CA PRO A 446 1.05 5.73 -7.98
C PRO A 446 1.85 4.79 -7.08
N HIS A 447 3.15 4.64 -7.36
CA HIS A 447 3.96 3.74 -6.56
C HIS A 447 4.16 4.20 -5.11
N ASN A 448 3.88 5.49 -4.84
CA ASN A 448 3.90 6.02 -3.48
C ASN A 448 2.52 6.18 -2.86
N HIS A 449 1.47 5.77 -3.57
CA HIS A 449 0.14 5.84 -2.97
C HIS A 449 0.02 4.86 -1.83
N GLU A 450 -0.95 5.12 -0.95
CA GLU A 450 -1.26 4.26 0.20
C GLU A 450 -2.68 3.74 0.02
N VAL A 451 -3.03 2.70 0.76
CA VAL A 451 -4.34 2.13 0.65
C VAL A 451 -5.40 3.07 1.20
N ASN A 452 -5.16 3.60 2.40
CA ASN A 452 -6.14 4.45 3.03
C ASN A 452 -5.89 5.86 2.51
N GLN A 453 -6.46 6.11 1.34
CA GLN A 453 -6.18 7.29 0.58
C GLN A 453 -7.22 7.42 -0.53
N VAL A 454 -7.47 8.69 -0.89
CA VAL A 454 -8.34 8.99 -2.01
C VAL A 454 -7.51 9.61 -3.11
N VAL A 455 -7.51 8.97 -4.27
CA VAL A 455 -6.76 9.45 -5.40
C VAL A 455 -7.71 10.14 -6.37
N TYR A 456 -7.32 11.33 -6.78
CA TYR A 456 -7.97 12.11 -7.83
C TYR A 456 -7.06 12.25 -9.06
N SER A 457 -7.67 12.43 -10.22
CA SER A 457 -6.95 12.94 -11.40
C SER A 457 -6.67 14.41 -11.18
N GLY A 458 -7.68 15.11 -10.71
CA GLY A 458 -7.54 16.53 -10.33
C GLY A 458 -8.76 16.90 -9.52
N THR A 459 -8.71 18.05 -8.82
CA THR A 459 -9.89 18.55 -8.16
C THR A 459 -10.53 19.72 -8.92
N HIS A 460 -11.60 20.24 -8.34
CA HIS A 460 -12.27 21.42 -8.85
C HIS A 460 -11.35 22.65 -8.90
N ASP A 461 -10.21 22.62 -8.21
CA ASP A 461 -9.23 23.73 -8.24
C ASP A 461 -8.19 23.62 -9.37
N ASN A 462 -8.17 22.48 -10.08
CA ASN A 462 -7.16 22.22 -11.11
C ASN A 462 -7.83 22.35 -12.46
N ASP A 463 -7.02 22.57 -13.48
CA ASP A 463 -7.52 22.47 -14.83
C ASP A 463 -8.00 21.05 -15.08
N THR A 464 -8.74 20.84 -16.16
CA THR A 464 -9.04 19.47 -16.59
C THR A 464 -7.74 18.84 -17.00
N ILE A 465 -7.77 17.52 -17.13
CA ILE A 465 -6.59 16.80 -17.54
C ILE A 465 -6.13 17.23 -18.93
N ARG A 466 -7.04 17.38 -19.87
CA ARG A 466 -6.67 17.90 -21.17
C ARG A 466 -6.08 19.31 -21.13
N GLY A 467 -6.64 20.19 -20.30
CA GLY A 467 -6.12 21.55 -20.20
C GLY A 467 -4.74 21.58 -19.59
N TRP A 468 -4.59 20.80 -18.52
CA TRP A 468 -3.33 20.57 -17.83
C TRP A 468 -2.28 19.98 -18.76
N TRP A 469 -2.65 18.97 -19.53
CA TRP A 469 -1.72 18.38 -20.51
C TRP A 469 -1.22 19.42 -21.52
N ASP A 470 -2.15 20.23 -21.99
CA ASP A 470 -1.92 21.23 -23.01
C ASP A 470 -0.94 22.33 -22.62
N THR A 471 -0.85 22.65 -21.33
CA THR A 471 0.06 23.70 -20.88
C THR A 471 1.23 23.09 -20.16
N LEU A 472 1.30 21.77 -20.14
CA LEU A 472 2.34 21.12 -19.39
C LEU A 472 3.68 21.36 -20.06
N ASP A 473 4.65 21.70 -19.24
CA ASP A 473 5.98 22.01 -19.73
C ASP A 473 6.65 20.72 -20.10
N GLN A 474 7.58 20.80 -21.05
CA GLN A 474 8.29 19.61 -21.45
C GLN A 474 9.03 19.16 -20.18
N GLU A 475 9.36 17.89 -20.10
CA GLU A 475 10.15 17.36 -18.97
C GLU A 475 9.34 17.04 -17.72
N GLU A 476 8.27 17.79 -17.44
CA GLU A 476 7.16 17.19 -16.70
C GLU A 476 6.40 16.30 -17.66
N LYS A 477 6.22 16.73 -18.91
CA LYS A 477 5.48 15.92 -19.88
C LYS A 477 6.13 14.60 -20.28
N SER A 478 7.41 14.60 -20.62
CA SER A 478 8.08 13.35 -20.98
C SER A 478 8.25 12.45 -19.77
N LYS A 479 8.33 13.05 -18.58
CA LYS A 479 8.26 12.30 -17.31
C LYS A 479 6.93 11.52 -17.27
N ALA A 480 5.81 12.24 -17.47
CA ALA A 480 4.48 11.65 -17.49
C ALA A 480 4.33 10.55 -18.51
N MET A 481 4.90 10.77 -19.69
CA MET A 481 4.81 9.79 -20.77
C MET A 481 5.45 8.45 -20.44
N LYS A 482 6.50 8.48 -19.63
CA LYS A 482 7.14 7.25 -19.16
C LYS A 482 6.33 6.49 -18.14
N TYR A 483 5.52 7.18 -17.34
CA TYR A 483 4.79 6.52 -16.29
CA TYR A 483 4.76 6.54 -16.26
C TYR A 483 3.39 6.12 -16.73
N LEU A 484 2.78 6.91 -17.59
CA LEU A 484 1.43 6.67 -18.01
C LEU A 484 1.37 5.84 -19.28
N SER A 485 0.24 5.18 -19.47
CA SER A 485 -0.01 4.42 -20.68
C SER A 485 -0.86 5.30 -21.59
N ILE A 486 -0.23 5.98 -22.54
CA ILE A 486 -0.91 6.96 -23.32
C ILE A 486 -1.14 6.43 -24.72
N ALA A 487 -2.37 6.59 -25.22
CA ALA A 487 -2.71 6.26 -26.58
C ALA A 487 -2.63 7.56 -27.38
N GLY A 488 -3.75 8.04 -27.91
CA GLY A 488 -3.81 9.35 -28.54
C GLY A 488 -3.92 10.43 -27.48
N GLU A 489 -3.33 11.58 -27.78
CA GLU A 489 -3.33 12.70 -26.85
C GLU A 489 -4.71 13.22 -26.59
N ASP A 490 -5.63 13.07 -27.54
CA ASP A 490 -7.02 13.49 -27.33
C ASP A 490 -7.66 12.75 -26.17
N ASP A 491 -7.12 11.58 -25.84
CA ASP A 491 -7.66 10.69 -24.82
C ASP A 491 -6.78 10.68 -23.58
N ILE A 492 -5.95 11.71 -23.47
CA ILE A 492 -5.08 11.86 -22.33
C ILE A 492 -5.84 11.74 -21.02
N SER A 493 -7.07 12.20 -20.96
CA SER A 493 -7.83 12.07 -19.70
C SER A 493 -8.11 10.62 -19.30
N TRP A 494 -8.31 9.72 -20.27
CA TRP A 494 -8.47 8.31 -19.95
C TRP A 494 -7.20 7.64 -19.47
N SER A 495 -6.06 8.14 -19.93
CA SER A 495 -4.79 7.63 -19.46
C SER A 495 -4.65 7.92 -17.99
N VAL A 496 -5.01 9.13 -17.60
CA VAL A 496 -4.86 9.51 -16.22
C VAL A 496 -5.93 8.79 -15.36
N ILE A 497 -7.14 8.65 -15.90
CA ILE A 497 -8.20 7.95 -15.21
C ILE A 497 -7.73 6.53 -14.89
N GLN A 498 -7.15 5.90 -15.88
CA GLN A 498 -6.69 4.55 -15.75
C GLN A 498 -5.65 4.46 -14.66
N ALA A 499 -4.73 5.40 -14.62
CA ALA A 499 -3.70 5.39 -13.59
C ALA A 499 -4.29 5.55 -12.21
N ALA A 500 -5.27 6.41 -12.08
CA ALA A 500 -5.97 6.55 -10.82
C ALA A 500 -6.63 5.21 -10.44
N PHE A 501 -7.32 4.58 -11.39
CA PHE A 501 -7.99 3.35 -11.09
C PHE A 501 -7.02 2.23 -10.76
N SER A 502 -5.83 2.22 -11.37
CA SER A 502 -4.86 1.14 -11.11
C SER A 502 -4.18 1.29 -9.74
N SER A 503 -4.35 2.42 -9.11
CA SER A 503 -3.69 2.68 -7.84
C SER A 503 -4.16 1.71 -6.73
N THR A 504 -3.30 1.51 -5.74
CA THR A 504 -3.67 0.86 -4.51
C THR A 504 -4.60 1.66 -3.61
N ALA A 505 -4.76 2.97 -3.86
CA ALA A 505 -5.70 3.76 -3.06
C ALA A 505 -7.09 3.16 -3.14
N GLN A 506 -7.78 3.15 -2.02
CA GLN A 506 -9.02 2.44 -1.90
C GLN A 506 -10.13 3.16 -2.67
N THR A 507 -9.98 4.46 -2.84
CA THR A 507 -11.02 5.28 -3.49
C THR A 507 -10.41 6.15 -4.59
N ALA A 508 -10.93 6.02 -5.82
CA ALA A 508 -10.52 6.86 -6.95
C ALA A 508 -11.69 7.73 -7.37
N ILE A 509 -11.44 9.05 -7.47
CA ILE A 509 -12.48 10.01 -7.79
C ILE A 509 -12.08 10.87 -9.00
N ILE A 510 -12.94 10.94 -10.01
CA ILE A 510 -12.68 11.61 -11.27
C ILE A 510 -13.73 12.72 -11.49
N PRO A 511 -13.29 13.94 -11.82
CA PRO A 511 -14.25 14.98 -12.21
C PRO A 511 -15.00 14.63 -13.46
N MET A 512 -16.26 14.98 -13.54
CA MET A 512 -17.06 14.71 -14.72
C MET A 512 -16.42 15.34 -15.96
N GLN A 513 -15.77 16.49 -15.83
CA GLN A 513 -15.14 17.12 -16.97
C GLN A 513 -14.13 16.20 -17.66
N ASP A 514 -13.38 15.43 -16.89
CA ASP A 514 -12.41 14.50 -17.47
C ASP A 514 -13.04 13.24 -18.07
N ILE A 515 -14.12 12.74 -17.49
CA ILE A 515 -14.85 11.69 -18.17
C ILE A 515 -15.37 12.16 -19.54
N LEU A 516 -15.70 13.45 -19.65
CA LEU A 516 -16.18 14.00 -20.92
C LEU A 516 -15.05 14.45 -21.83
N GLY A 517 -13.81 14.32 -21.39
CA GLY A 517 -12.64 14.66 -22.19
C GLY A 517 -12.56 16.14 -22.55
N LEU A 518 -12.95 17.03 -21.64
CA LEU A 518 -13.08 18.46 -21.98
C LEU A 518 -11.84 19.28 -21.66
N GLY A 519 -11.70 20.41 -22.35
CA GLY A 519 -10.54 21.29 -22.23
C GLY A 519 -10.70 22.32 -21.13
N SER A 520 -9.79 23.30 -21.13
CA SER A 520 -9.65 24.26 -20.05
C SER A 520 -10.89 25.09 -19.83
N SER A 521 -11.72 25.26 -20.83
CA SER A 521 -12.93 26.05 -20.64
C SER A 521 -13.91 25.39 -19.67
N ALA A 522 -13.73 24.10 -19.37
CA ALA A 522 -14.59 23.44 -18.41
C ALA A 522 -14.01 23.44 -16.98
N ARG A 523 -12.93 24.17 -16.77
CA ARG A 523 -12.30 24.22 -15.47
C ARG A 523 -13.25 24.85 -14.46
N MET A 524 -13.46 24.22 -13.31
CA MET A 524 -14.45 24.72 -12.35
C MET A 524 -13.95 25.97 -11.63
N ASN A 525 -12.72 25.94 -11.14
CA ASN A 525 -12.16 27.08 -10.43
C ASN A 525 -10.66 27.26 -10.70
N THR A 526 -10.22 28.51 -10.71
CA THR A 526 -8.81 28.90 -10.78
C THR A 526 -8.53 29.70 -9.51
N PRO A 527 -7.76 29.17 -8.57
CA PRO A 527 -7.58 29.85 -7.29
C PRO A 527 -6.97 31.21 -7.43
N ALA A 528 -7.36 32.11 -6.52
CA ALA A 528 -6.86 33.49 -6.47
C ALA A 528 -7.26 34.27 -7.71
N THR A 529 -8.37 33.88 -8.33
CA THR A 529 -9.11 34.75 -9.25
C THR A 529 -10.50 34.96 -8.63
N GLU A 530 -11.15 36.06 -8.98
CA GLU A 530 -12.39 36.48 -8.32
C GLU A 530 -13.58 36.49 -9.28
N VAL A 531 -13.38 36.05 -10.52
CA VAL A 531 -14.42 36.14 -11.55
C VAL A 531 -14.27 35.00 -12.57
N GLY A 532 -15.38 34.49 -13.08
CA GLY A 532 -15.36 33.38 -14.05
C GLY A 532 -15.27 31.98 -13.44
N ASN A 533 -15.53 31.83 -12.13
CA ASN A 533 -15.46 30.53 -11.48
C ASN A 533 -16.81 29.93 -11.09
N TRP A 534 -16.82 28.62 -10.89
CA TRP A 534 -18.00 27.92 -10.37
C TRP A 534 -19.17 27.88 -11.36
N GLY A 535 -18.91 28.24 -12.61
CA GLY A 535 -19.94 28.34 -13.61
C GLY A 535 -20.14 27.17 -14.56
N TRP A 536 -19.24 26.21 -14.57
CA TRP A 536 -19.36 25.12 -15.56
C TRP A 536 -20.66 24.28 -15.46
N ARG A 537 -21.25 24.03 -16.61
CA ARG A 537 -22.36 23.12 -16.69
C ARG A 537 -22.10 22.12 -17.77
N ILE A 538 -22.61 20.92 -17.57
CA ILE A 538 -22.58 19.90 -18.60
C ILE A 538 -23.20 20.52 -19.83
N PRO A 539 -22.53 20.42 -21.01
CA PRO A 539 -23.12 20.93 -22.27
C PRO A 539 -24.53 20.40 -22.53
N SER A 540 -25.41 21.30 -22.95
CA SER A 540 -26.84 20.99 -23.09
C SER A 540 -27.11 19.84 -24.08
N SER A 541 -26.13 19.54 -24.94
CA SER A 541 -26.18 18.40 -25.87
C SER A 541 -25.93 17.02 -25.24
N THR A 542 -25.10 16.96 -24.19
CA THR A 542 -24.66 15.72 -23.57
C THR A 542 -25.65 15.24 -22.53
N SER A 543 -26.46 14.22 -22.82
CA SER A 543 -27.42 13.73 -21.84
C SER A 543 -26.89 12.42 -21.30
N PHE A 544 -27.40 11.98 -20.14
CA PHE A 544 -26.91 10.73 -19.53
C PHE A 544 -27.33 9.49 -20.30
N ASP A 545 -28.39 9.62 -21.08
CA ASP A 545 -28.78 8.63 -22.07
C ASP A 545 -27.79 8.48 -23.20
N ASN A 546 -26.77 9.31 -23.26
CA ASN A 546 -25.88 9.28 -24.39
C ASN A 546 -24.45 9.26 -23.99
N LEU A 547 -24.18 8.63 -22.87
CA LEU A 547 -22.82 8.44 -22.42
C LEU A 547 -22.59 6.97 -22.14
N GLU A 548 -23.20 6.10 -22.94
CA GLU A 548 -23.03 4.67 -22.68
C GLU A 548 -21.61 4.16 -23.08
N THR A 549 -20.99 4.75 -24.09
CA THR A 549 -19.61 4.41 -24.41
C THR A 549 -18.73 4.76 -23.24
N GLU A 550 -18.92 5.94 -22.68
CA GLU A 550 -18.15 6.37 -21.55
C GLU A 550 -18.41 5.46 -20.36
N SER A 551 -19.67 5.10 -20.18
CA SER A 551 -20.05 4.23 -19.09
C SER A 551 -19.34 2.89 -19.16
N ASP A 552 -19.35 2.29 -20.35
CA ASP A 552 -18.75 0.97 -20.63
C ASP A 552 -17.26 0.98 -20.41
N ARG A 553 -16.63 2.04 -20.87
CA ARG A 553 -15.23 2.17 -20.74
C ARG A 553 -14.82 2.26 -19.27
N LEU A 554 -15.56 3.00 -18.48
CA LEU A 554 -15.26 3.09 -17.05
C LEU A 554 -15.45 1.74 -16.40
N ARG A 555 -16.57 1.10 -16.69
CA ARG A 555 -16.85 -0.22 -16.13
C ARG A 555 -15.74 -1.21 -16.46
N ASP A 556 -15.23 -1.19 -17.68
CA ASP A 556 -14.13 -2.07 -18.08
C ASP A 556 -12.91 -1.82 -17.19
N LEU A 557 -12.57 -0.56 -16.97
CA LEU A 557 -11.45 -0.22 -16.11
C LEU A 557 -11.68 -0.62 -14.65
N LEU A 558 -12.86 -0.35 -14.13
CA LEU A 558 -13.14 -0.68 -12.73
C LEU A 558 -13.09 -2.18 -12.51
N SER A 559 -13.55 -2.92 -13.51
CA SER A 559 -13.52 -4.36 -13.45
C SER A 559 -12.09 -4.86 -13.43
N LEU A 560 -11.28 -4.32 -14.31
CA LEU A 560 -9.88 -4.69 -14.39
C LEU A 560 -9.09 -4.40 -13.12
N TYR A 561 -9.39 -3.31 -12.46
CA TYR A 561 -8.64 -2.95 -11.26
C TYR A 561 -9.37 -3.21 -9.95
N GLY A 562 -10.39 -4.07 -10.00
CA GLY A 562 -11.01 -4.56 -8.78
C GLY A 562 -11.78 -3.53 -8.00
N ARG A 563 -12.36 -2.57 -8.69
CA ARG A 563 -13.16 -1.51 -8.05
C ARG A 563 -14.67 -1.64 -8.24
N LEU A 564 -15.12 -2.77 -8.75
CA LEU A 564 -16.55 -3.03 -8.85
C LEU A 564 -17.02 -3.82 -7.63
N SER B 48 -0.10 23.31 24.97
CA SER B 48 -1.47 23.81 25.25
C SER B 48 -2.17 24.31 23.98
N VAL B 49 -3.42 23.88 23.80
CA VAL B 49 -4.26 24.29 22.65
C VAL B 49 -4.47 25.80 22.58
N GLY B 50 -4.08 26.43 21.47
CA GLY B 50 -4.23 27.87 21.28
C GLY B 50 -2.92 28.62 21.35
N GLU B 51 -2.00 28.14 22.19
CA GLU B 51 -0.70 28.80 22.42
C GLU B 51 0.21 28.64 21.24
N ASP B 52 1.28 29.44 21.22
CA ASP B 52 2.25 29.43 20.12
C ASP B 52 3.12 28.19 20.07
N PHE B 53 3.50 27.81 18.84
CA PHE B 53 4.48 26.75 18.62
C PHE B 53 5.85 27.40 18.72
N PRO B 54 6.88 26.60 19.03
CA PRO B 54 8.23 27.12 18.82
C PRO B 54 8.45 27.59 17.36
N SER B 55 9.42 28.48 17.18
CA SER B 55 9.70 29.11 15.88
C SER B 55 10.12 28.15 14.75
N GLU B 56 10.70 27.00 15.10
CA GLU B 56 11.10 26.01 14.09
C GLU B 56 9.95 25.04 13.71
N TYR B 57 8.70 25.51 13.80
CA TYR B 57 7.55 24.67 13.41
C TYR B 57 7.50 24.47 11.90
N GLU B 58 7.59 25.56 11.13
CA GLU B 58 7.56 25.50 9.66
C GLU B 58 8.54 24.48 9.04
N GLN B 59 9.66 24.19 9.70
CA GLN B 59 10.67 23.23 9.20
C GLN B 59 10.51 21.79 9.75
N TRP B 60 9.47 21.54 10.52
CA TRP B 60 9.26 20.24 11.18
C TRP B 60 8.52 19.24 10.25
N LEU B 61 9.20 18.85 9.18
CA LEU B 61 8.63 18.02 8.11
C LEU B 61 8.71 16.50 8.36
N PRO B 62 7.75 15.72 7.81
CA PRO B 62 7.89 14.27 7.92
C PRO B 62 9.15 13.83 7.19
N VAL B 63 9.82 12.82 7.75
CA VAL B 63 11.00 12.26 7.13
C VAL B 63 10.74 10.82 6.74
N PRO B 64 11.26 10.40 5.57
CA PRO B 64 11.11 8.99 5.23
C PRO B 64 11.80 8.09 6.25
N ASP B 65 11.09 7.06 6.71
CA ASP B 65 11.64 6.01 7.54
C ASP B 65 12.65 5.22 6.68
N PRO B 66 13.92 5.14 7.12
CA PRO B 66 14.93 4.34 6.43
C PRO B 66 14.58 2.86 6.26
N GLU B 67 13.82 2.30 7.20
CA GLU B 67 13.43 0.90 7.13
C GLU B 67 12.32 0.68 6.10
N SER B 68 11.72 1.75 5.61
CA SER B 68 10.74 1.70 4.54
C SER B 68 11.33 1.89 3.15
N ARG B 69 12.64 1.86 2.99
CA ARG B 69 13.26 2.22 1.71
C ARG B 69 12.90 1.22 0.61
N ARG B 70 12.44 1.72 -0.54
CA ARG B 70 12.12 0.89 -1.67
C ARG B 70 13.43 0.42 -2.30
N ARG B 71 13.46 -0.82 -2.76
CA ARG B 71 14.67 -1.39 -3.27
C ARG B 71 14.38 -2.52 -4.24
N ALA B 72 15.43 -2.93 -4.95
CA ALA B 72 15.30 -4.05 -5.88
C ALA B 72 16.52 -4.91 -5.84
N GLY B 73 16.39 -6.09 -6.42
CA GLY B 73 17.48 -7.04 -6.45
C GLY B 73 17.33 -8.18 -7.42
N VAL B 74 18.35 -9.03 -7.43
CA VAL B 74 18.45 -10.12 -8.39
C VAL B 74 18.57 -11.45 -7.64
N LEU B 75 17.85 -12.46 -8.11
CA LEU B 75 17.98 -13.82 -7.64
C LEU B 75 18.97 -14.52 -8.56
N LEU B 76 20.07 -14.98 -7.98
CA LEU B 76 21.14 -15.68 -8.70
C LEU B 76 21.88 -16.54 -7.70
N HIS B 77 21.90 -17.82 -7.94
CA HIS B 77 22.60 -18.74 -7.07
C HIS B 77 24.07 -18.87 -7.54
N PRO B 78 25.03 -18.87 -6.61
CA PRO B 78 26.43 -18.85 -7.04
C PRO B 78 26.89 -20.03 -7.92
N THR B 79 26.20 -21.17 -7.91
CA THR B 79 26.59 -22.25 -8.81
C THR B 79 26.49 -21.85 -10.27
N SER B 80 25.61 -20.88 -10.54
CA SER B 80 25.37 -20.36 -11.87
C SER B 80 26.47 -19.44 -12.44
N PHE B 81 27.45 -19.01 -11.65
CA PHE B 81 28.52 -18.12 -12.20
C PHE B 81 29.33 -18.84 -13.23
N ARG B 82 29.88 -18.07 -14.18
CA ARG B 82 30.83 -18.60 -15.19
C ARG B 82 32.11 -19.06 -14.52
N GLY B 83 32.91 -19.80 -15.28
CA GLY B 83 34.23 -20.14 -14.85
C GLY B 83 34.62 -21.53 -15.32
N PRO B 84 35.92 -21.85 -15.13
CA PRO B 84 36.55 -23.03 -15.73
C PRO B 84 36.36 -24.38 -15.00
N HIS B 85 35.90 -24.36 -13.75
CA HIS B 85 35.96 -25.54 -12.89
C HIS B 85 34.65 -26.26 -12.74
N GLY B 86 33.75 -26.08 -13.70
CA GLY B 86 32.57 -26.93 -13.77
C GLY B 86 31.38 -26.45 -12.96
N ILE B 87 31.57 -25.37 -12.21
CA ILE B 87 30.52 -24.86 -11.36
C ILE B 87 30.92 -23.45 -10.94
N GLY B 88 29.93 -22.61 -10.64
CA GLY B 88 30.20 -21.31 -10.10
C GLY B 88 30.80 -21.41 -8.73
N ASP B 89 31.52 -20.37 -8.29
CA ASP B 89 32.13 -20.37 -6.96
C ASP B 89 32.21 -18.98 -6.36
N LEU B 90 32.84 -18.87 -5.20
CA LEU B 90 32.86 -17.65 -4.40
C LEU B 90 34.08 -16.79 -4.68
N GLY B 91 34.61 -16.95 -5.87
CA GLY B 91 35.78 -16.20 -6.33
C GLY B 91 35.44 -14.95 -7.09
N GLU B 92 36.27 -14.68 -8.10
CA GLU B 92 36.24 -13.46 -8.86
C GLU B 92 34.83 -13.13 -9.42
N GLU B 93 34.12 -14.12 -9.96
CA GLU B 93 32.80 -13.87 -10.56
C GLU B 93 31.76 -13.38 -9.56
N ALA B 94 31.84 -13.84 -8.31
CA ALA B 94 30.96 -13.34 -7.27
C ALA B 94 31.19 -11.86 -7.04
N PHE B 95 32.46 -11.45 -7.01
CA PHE B 95 32.77 -10.05 -6.78
C PHE B 95 32.40 -9.21 -7.98
N ARG B 96 32.62 -9.74 -9.19
CA ARG B 96 32.23 -9.03 -10.42
C ARG B 96 30.72 -8.85 -10.48
N PHE B 97 29.99 -9.88 -10.07
CA PHE B 97 28.56 -9.79 -10.10
C PHE B 97 28.09 -8.71 -9.13
N ILE B 98 28.65 -8.71 -7.92
CA ILE B 98 28.35 -7.67 -6.94
C ILE B 98 28.61 -6.27 -7.47
N ASP B 99 29.71 -6.10 -8.18
CA ASP B 99 30.01 -4.82 -8.82
C ASP B 99 28.95 -4.46 -9.85
N TRP B 100 28.57 -5.42 -10.67
CA TRP B 100 27.50 -5.21 -11.66
C TRP B 100 26.17 -4.89 -10.97
N LEU B 101 25.86 -5.58 -9.89
CA LEU B 101 24.60 -5.38 -9.21
C LEU B 101 24.56 -3.96 -8.70
N HIS B 102 25.60 -3.58 -7.99
CA HIS B 102 25.75 -2.23 -7.56
C HIS B 102 25.62 -1.20 -8.71
N SER B 103 26.22 -1.45 -9.87
CA SER B 103 26.13 -0.49 -10.98
C SER B 103 24.70 -0.33 -11.48
N THR B 104 23.83 -1.34 -11.27
CA THR B 104 22.42 -1.23 -11.64
C THR B 104 21.58 -0.43 -10.67
N GLY B 105 22.07 -0.19 -9.46
CA GLY B 105 21.23 0.40 -8.43
C GLY B 105 20.51 -0.60 -7.51
N CYS B 106 20.50 -1.88 -7.87
CA CYS B 106 19.98 -2.93 -6.98
C CYS B 106 20.73 -3.02 -5.69
N SER B 107 20.05 -3.39 -4.62
CA SER B 107 20.70 -3.41 -3.33
C SER B 107 20.41 -4.70 -2.55
N VAL B 108 19.92 -5.71 -3.26
CA VAL B 108 19.64 -7.03 -2.70
C VAL B 108 20.11 -8.10 -3.67
N TRP B 109 20.77 -9.12 -3.15
CA TRP B 109 21.13 -10.31 -3.89
C TRP B 109 20.50 -11.47 -3.13
N GLN B 110 19.63 -12.20 -3.83
CA GLN B 110 18.99 -13.36 -3.22
C GLN B 110 19.66 -14.61 -3.81
N VAL B 111 19.97 -15.55 -2.92
CA VAL B 111 20.53 -16.84 -3.27
C VAL B 111 19.58 -17.94 -2.79
N LEU B 112 19.80 -19.14 -3.27
CA LEU B 112 19.13 -20.34 -2.75
C LEU B 112 19.92 -20.83 -1.53
N PRO B 113 19.38 -21.82 -0.77
CA PRO B 113 20.15 -22.32 0.36
C PRO B 113 21.56 -22.69 -0.07
N LEU B 114 22.52 -22.36 0.78
CA LEU B 114 23.91 -22.63 0.48
C LEU B 114 24.41 -23.93 1.08
N VAL B 115 23.48 -24.80 1.48
CA VAL B 115 23.80 -26.13 2.02
C VAL B 115 24.38 -27.14 1.00
N PRO B 116 24.98 -28.24 1.49
CA PRO B 116 25.43 -29.25 0.53
C PRO B 116 24.20 -29.91 -0.07
N PRO B 117 24.07 -29.86 -1.40
CA PRO B 117 22.88 -30.33 -2.11
C PRO B 117 22.81 -31.84 -2.20
N ASP B 118 21.70 -32.39 -2.66
CA ASP B 118 21.65 -33.82 -2.96
C ASP B 118 22.35 -34.06 -4.29
N GLU B 119 22.44 -35.32 -4.69
CA GLU B 119 23.18 -35.67 -5.91
C GLU B 119 22.51 -35.16 -7.21
N GLY B 120 21.21 -34.88 -7.18
CA GLY B 120 20.55 -34.12 -8.27
C GLY B 120 20.89 -32.63 -8.34
N GLY B 121 21.62 -32.10 -7.34
CA GLY B 121 21.95 -30.69 -7.24
C GLY B 121 21.00 -29.84 -6.38
N SER B 122 19.94 -30.45 -5.85
CA SER B 122 18.91 -29.69 -5.15
C SER B 122 19.36 -29.09 -3.83
N PRO B 123 19.32 -27.76 -3.72
CA PRO B 123 19.63 -27.12 -2.46
C PRO B 123 18.55 -27.28 -1.43
N TYR B 124 17.41 -27.89 -1.75
CA TYR B 124 16.29 -28.03 -0.82
C TYR B 124 16.18 -29.43 -0.22
N ALA B 125 17.00 -30.36 -0.71
CA ALA B 125 17.12 -31.68 -0.10
C ALA B 125 18.59 -31.88 0.30
N GLY B 126 19.08 -30.93 1.08
CA GLY B 126 20.46 -30.92 1.50
C GLY B 126 20.80 -32.05 2.46
N GLN B 127 22.08 -32.31 2.57
CA GLN B 127 22.62 -33.34 3.44
C GLN B 127 22.81 -32.80 4.88
N ASP B 128 22.74 -31.48 5.03
CA ASP B 128 22.92 -30.79 6.30
C ASP B 128 22.22 -29.44 6.23
N ALA B 129 21.63 -29.02 7.33
CA ALA B 129 20.98 -27.72 7.35
C ALA B 129 21.93 -26.56 7.58
N ASN B 130 23.12 -26.78 8.14
CA ASN B 130 24.00 -25.66 8.54
C ASN B 130 25.31 -25.56 7.82
N CYS B 131 25.83 -26.68 7.35
CA CYS B 131 27.05 -26.70 6.55
C CYS B 131 26.89 -25.97 5.22
N GLY B 132 27.98 -25.48 4.70
CA GLY B 132 28.04 -24.93 3.37
C GLY B 132 28.48 -25.90 2.30
N ASN B 133 28.08 -25.63 1.08
CA ASN B 133 28.39 -26.47 -0.08
C ASN B 133 29.84 -26.19 -0.42
N THR B 134 30.70 -27.15 -0.09
CA THR B 134 32.13 -27.01 -0.32
C THR B 134 32.54 -26.93 -1.81
N LEU B 135 31.68 -27.36 -2.73
CA LEU B 135 31.98 -27.18 -4.12
C LEU B 135 31.89 -25.74 -4.60
N LEU B 136 31.34 -24.86 -3.78
CA LEU B 136 31.38 -23.44 -4.05
C LEU B 136 32.71 -22.77 -3.72
N ILE B 137 33.61 -23.49 -3.05
CA ILE B 137 34.88 -22.93 -2.69
C ILE B 137 35.67 -22.65 -3.99
N SER B 138 36.25 -21.46 -4.08
CA SER B 138 37.06 -20.98 -5.22
C SER B 138 38.49 -21.42 -5.05
N LEU B 139 39.03 -22.07 -6.07
CA LEU B 139 40.43 -22.55 -6.02
C LEU B 139 41.44 -21.40 -6.10
N ASP B 140 41.10 -20.39 -6.88
CA ASP B 140 41.92 -19.18 -7.03
C ASP B 140 42.02 -18.42 -5.71
N GLU B 141 40.91 -18.37 -4.94
CA GLU B 141 40.95 -17.75 -3.60
C GLU B 141 41.85 -18.55 -2.67
N LEU B 142 41.89 -19.86 -2.81
CA LEU B 142 42.78 -20.67 -2.01
C LEU B 142 44.25 -20.36 -2.34
N VAL B 143 44.53 -20.04 -3.59
CA VAL B 143 45.88 -19.66 -4.00
C VAL B 143 46.23 -18.31 -3.37
N LYS B 144 45.29 -17.38 -3.35
CA LYS B 144 45.53 -16.12 -2.63
C LYS B 144 45.80 -16.33 -1.14
N ASP B 145 45.19 -17.36 -0.56
CA ASP B 145 45.39 -17.71 0.85
C ASP B 145 46.67 -18.48 1.06
N GLY B 146 47.34 -18.89 -0.01
CA GLY B 146 48.59 -19.64 0.09
C GLY B 146 48.42 -21.12 0.38
N LEU B 147 47.21 -21.65 0.20
CA LEU B 147 46.96 -23.08 0.42
C LEU B 147 47.12 -23.92 -0.84
N LEU B 148 47.04 -23.32 -2.01
CA LEU B 148 47.44 -23.99 -3.25
C LEU B 148 48.40 -23.09 -4.01
N ILE B 149 49.16 -23.65 -4.95
CA ILE B 149 49.90 -22.86 -5.91
C ILE B 149 49.24 -22.91 -7.29
N LYS B 150 49.42 -21.82 -8.06
CA LYS B 150 48.78 -21.66 -9.38
C LYS B 150 49.02 -22.89 -10.28
N ASP B 151 50.18 -23.52 -10.15
CA ASP B 151 50.53 -24.68 -10.97
C ASP B 151 49.65 -25.88 -10.73
N GLU B 152 49.03 -25.93 -9.55
CA GLU B 152 48.23 -27.09 -9.16
C GLU B 152 46.80 -26.99 -9.64
N LEU B 153 46.42 -25.83 -10.13
CA LEU B 153 45.06 -25.63 -10.67
C LEU B 153 44.84 -26.50 -11.93
N PRO B 154 43.66 -27.14 -12.06
CA PRO B 154 43.43 -28.09 -13.15
C PRO B 154 43.30 -27.42 -14.51
N GLN B 155 43.35 -28.21 -15.57
CA GLN B 155 42.99 -27.71 -16.89
C GLN B 155 41.51 -27.33 -16.86
N PRO B 156 41.17 -26.16 -17.44
CA PRO B 156 39.76 -25.81 -17.50
C PRO B 156 38.90 -26.84 -18.27
N ILE B 157 37.61 -26.88 -17.96
CA ILE B 157 36.65 -27.67 -18.70
C ILE B 157 35.48 -26.82 -19.07
N ASP B 158 34.77 -27.24 -20.11
CA ASP B 158 33.57 -26.57 -20.54
C ASP B 158 32.48 -27.31 -19.80
N ALA B 159 31.64 -26.53 -19.14
CA ALA B 159 30.48 -27.05 -18.47
C ALA B 159 29.41 -25.98 -18.61
N ASP B 160 28.75 -26.01 -19.75
CA ASP B 160 27.63 -25.14 -20.03
C ASP B 160 26.57 -25.19 -18.95
N SER B 161 26.39 -26.36 -18.35
CA SER B 161 25.54 -26.54 -17.19
C SER B 161 26.35 -27.24 -16.11
N VAL B 162 25.94 -27.08 -14.84
CA VAL B 162 26.63 -27.70 -13.73
C VAL B 162 26.39 -29.19 -13.80
N ASN B 163 27.45 -29.98 -13.95
CA ASN B 163 27.38 -31.40 -13.63
C ASN B 163 28.13 -31.58 -12.34
N TYR B 164 27.43 -32.03 -11.30
CA TYR B 164 27.97 -32.07 -9.96
C TYR B 164 29.04 -33.12 -9.83
N GLN B 165 28.86 -34.23 -10.53
CA GLN B 165 29.82 -35.31 -10.49
C GLN B 165 31.13 -34.83 -11.11
N THR B 166 31.07 -34.20 -12.28
CA THR B 166 32.24 -33.61 -12.92
C THR B 166 32.94 -32.56 -12.02
N ALA B 167 32.15 -31.69 -11.38
CA ALA B 167 32.73 -30.64 -10.50
C ALA B 167 33.48 -31.25 -9.31
N ASN B 168 32.86 -32.26 -8.70
CA ASN B 168 33.46 -32.94 -7.57
C ASN B 168 34.78 -33.64 -7.94
N LYS B 169 34.80 -34.36 -9.05
CA LYS B 169 36.05 -35.05 -9.46
C LYS B 169 37.20 -34.05 -9.72
N LEU B 170 36.85 -32.92 -10.33
CA LEU B 170 37.82 -31.88 -10.62
C LEU B 170 38.28 -31.14 -9.35
N LYS B 171 37.35 -30.76 -8.48
CA LYS B 171 37.68 -29.81 -7.43
C LYS B 171 38.04 -30.43 -6.08
N SER B 172 37.40 -31.55 -5.72
CA SER B 172 37.53 -32.07 -4.34
C SER B 172 38.93 -32.42 -3.95
N PRO B 173 39.68 -33.08 -4.84
CA PRO B 173 41.08 -33.38 -4.49
C PRO B 173 41.89 -32.16 -4.12
N LEU B 174 41.64 -31.03 -4.78
CA LEU B 174 42.40 -29.82 -4.51
C LEU B 174 41.93 -29.12 -3.27
N ILE B 175 40.62 -29.18 -3.01
CA ILE B 175 40.07 -28.61 -1.78
C ILE B 175 40.60 -29.38 -0.58
N THR B 176 40.63 -30.68 -0.70
CA THR B 176 41.17 -31.55 0.32
C THR B 176 42.65 -31.22 0.60
N LYS B 177 43.43 -31.06 -0.46
CA LYS B 177 44.85 -30.72 -0.34
C LYS B 177 45.03 -29.35 0.37
N ALA B 178 44.21 -28.38 0.03
CA ALA B 178 44.27 -27.09 0.70
C ALA B 178 43.96 -27.24 2.18
N ALA B 179 42.91 -28.01 2.47
CA ALA B 179 42.47 -28.25 3.85
C ALA B 179 43.55 -28.95 4.64
N LYS B 180 44.23 -29.89 4.01
CA LYS B 180 45.37 -30.57 4.63
C LYS B 180 46.54 -29.60 4.98
N ARG B 181 46.94 -28.72 4.06
CA ARG B 181 47.99 -27.74 4.36
C ARG B 181 47.58 -26.78 5.47
N LEU B 182 46.32 -26.41 5.49
CA LEU B 182 45.82 -25.54 6.53
C LEU B 182 46.02 -26.19 7.91
N ILE B 183 45.66 -27.47 8.05
CA ILE B 183 45.68 -28.12 9.34
C ILE B 183 47.11 -28.48 9.73
N ASP B 184 47.98 -28.72 8.74
CA ASP B 184 49.41 -28.94 9.01
C ASP B 184 50.19 -27.67 9.37
N GLY B 185 49.72 -26.50 8.96
CA GLY B 185 50.42 -25.25 9.26
C GLY B 185 50.26 -24.76 10.69
N ASN B 186 51.06 -23.75 11.05
CA ASN B 186 51.12 -23.22 12.41
C ASN B 186 50.90 -21.70 12.59
N GLY B 187 50.47 -21.00 11.53
CA GLY B 187 50.36 -19.54 11.56
C GLY B 187 48.97 -18.94 11.79
N GLU B 188 48.74 -17.81 11.11
CA GLU B 188 47.58 -16.93 11.33
C GLU B 188 46.29 -17.69 11.02
N LEU B 189 46.32 -18.36 9.88
CA LEU B 189 45.17 -18.98 9.30
C LEU B 189 44.77 -20.20 10.15
N LYS B 190 45.76 -20.95 10.59
CA LYS B 190 45.54 -22.04 11.52
C LYS B 190 44.88 -21.53 12.80
N SER B 191 45.37 -20.41 13.32
CA SER B 191 44.80 -19.88 14.54
C SER B 191 43.33 -19.48 14.39
N LYS B 192 42.95 -19.04 13.19
CA LYS B 192 41.58 -18.68 12.94
C LYS B 192 40.68 -19.90 12.80
N LEU B 193 41.26 -21.02 12.36
CA LEU B 193 40.54 -22.29 12.24
C LEU B 193 40.14 -22.70 13.63
N LEU B 194 41.08 -22.56 14.56
CA LEU B 194 40.87 -22.97 15.94
C LEU B 194 39.79 -22.13 16.63
N ASP B 195 39.77 -20.82 16.36
CA ASP B 195 38.74 -19.95 16.91
C ASP B 195 37.36 -20.33 16.36
N PHE B 196 37.29 -20.53 15.05
CA PHE B 196 36.08 -21.01 14.39
C PHE B 196 35.60 -22.32 15.04
N ARG B 197 36.51 -23.26 15.21
CA ARG B 197 36.19 -24.60 15.68
C ARG B 197 35.67 -24.59 17.14
N ASN B 198 36.32 -23.78 17.99
CA ASN B 198 35.98 -23.68 19.43
C ASN B 198 34.94 -22.62 19.73
N ASP B 199 34.54 -21.85 18.72
CA ASP B 199 33.44 -20.91 18.89
C ASP B 199 32.17 -21.70 19.17
N PRO B 200 31.51 -21.45 20.32
CA PRO B 200 30.38 -22.31 20.69
C PRO B 200 29.20 -22.31 19.69
N SER B 201 28.97 -21.19 18.99
CA SER B 201 27.87 -21.11 18.03
C SER B 201 28.19 -21.82 16.71
N ILE B 202 29.42 -22.32 16.57
CA ILE B 202 29.80 -23.15 15.42
C ILE B 202 29.71 -24.61 15.86
N SER B 203 30.32 -24.92 17.02
CA SER B 203 30.44 -26.29 17.47
C SER B 203 29.11 -26.95 17.82
N CYS B 204 28.06 -26.19 18.12
CA CYS B 204 26.79 -26.82 18.47
C CYS B 204 26.13 -27.48 17.26
N TRP B 205 26.58 -27.17 16.05
CA TRP B 205 26.20 -27.95 14.86
C TRP B 205 27.39 -28.63 14.12
N LEU B 206 28.59 -28.03 14.16
CA LEU B 206 29.69 -28.51 13.33
C LEU B 206 30.23 -29.88 13.75
N GLU B 207 30.39 -30.10 15.04
CA GLU B 207 30.93 -31.35 15.49
C GLU B 207 29.96 -32.49 15.12
N ASP B 208 28.65 -32.31 15.38
CA ASP B 208 27.66 -33.31 14.97
C ASP B 208 27.75 -33.59 13.50
N ALA B 209 27.92 -32.55 12.71
CA ALA B 209 27.95 -32.71 11.26
C ALA B 209 29.15 -33.51 10.78
N ALA B 210 30.30 -33.24 11.39
CA ALA B 210 31.58 -33.89 11.02
C ALA B 210 31.59 -35.39 11.41
N TYR B 211 31.04 -35.70 12.58
CA TYR B 211 30.93 -37.09 13.02
C TYR B 211 29.93 -37.85 12.19
N PHE B 212 28.79 -37.23 11.89
CA PHE B 212 27.82 -37.87 11.02
C PHE B 212 28.49 -38.20 9.66
N ALA B 213 29.17 -37.22 9.08
CA ALA B 213 29.85 -37.44 7.80
C ALA B 213 30.93 -38.52 7.90
N ALA B 214 31.67 -38.56 8.99
CA ALA B 214 32.68 -39.58 9.14
C ALA B 214 32.05 -40.98 9.20
N ILE B 215 30.96 -41.12 9.94
CA ILE B 215 30.28 -42.41 10.05
C ILE B 215 29.68 -42.83 8.71
N ASP B 216 29.05 -41.89 8.03
CA ASP B 216 28.47 -42.14 6.69
C ASP B 216 29.53 -42.57 5.67
N ASN B 217 30.70 -41.95 5.78
CA ASN B 217 31.84 -42.34 4.98
C ASN B 217 32.38 -43.74 5.31
N THR B 218 32.57 -44.03 6.59
CA THR B 218 33.04 -45.33 7.08
C THR B 218 32.09 -46.50 6.79
N LEU B 219 30.78 -46.27 6.85
CA LEU B 219 29.80 -47.32 6.66
C LEU B 219 29.17 -47.32 5.30
N ASN B 220 28.98 -48.52 4.76
CA ASN B 220 28.09 -48.73 3.63
C ASN B 220 26.70 -49.01 4.13
N ALA B 221 25.86 -47.98 4.17
CA ALA B 221 24.46 -48.14 4.61
C ALA B 221 23.57 -47.10 3.95
N TYR B 222 22.32 -47.51 3.70
CA TYR B 222 21.35 -46.64 3.03
C TYR B 222 21.26 -45.33 3.80
N SER B 223 20.85 -45.44 5.05
CA SER B 223 20.66 -44.31 5.93
C SER B 223 21.06 -44.71 7.34
N TRP B 224 21.02 -43.73 8.25
CA TRP B 224 21.48 -43.95 9.62
C TRP B 224 20.55 -44.90 10.35
N PHE B 225 19.33 -45.09 9.85
CA PHE B 225 18.42 -46.07 10.40
C PHE B 225 19.02 -47.49 10.42
N GLU B 226 19.85 -47.78 9.42
CA GLU B 226 20.48 -49.08 9.24
C GLU B 226 21.83 -49.20 9.98
N TRP B 227 22.30 -48.12 10.59
CA TRP B 227 23.57 -48.15 11.31
C TRP B 227 23.47 -49.10 12.52
N PRO B 228 24.58 -49.75 12.88
CA PRO B 228 24.63 -50.47 14.18
C PRO B 228 24.27 -49.58 15.39
N GLU B 229 23.58 -50.17 16.35
CA GLU B 229 23.00 -49.40 17.42
C GLU B 229 23.90 -48.33 18.08
N PRO B 230 25.15 -48.65 18.40
CA PRO B 230 25.96 -47.66 19.13
C PRO B 230 26.26 -46.44 18.33
N LEU B 231 26.40 -46.57 17.01
CA LEU B 231 26.56 -45.40 16.14
C LEU B 231 25.21 -44.76 15.84
N LYS B 232 24.20 -45.59 15.62
CA LYS B 232 22.86 -45.10 15.39
C LYS B 232 22.40 -44.20 16.52
N ASN B 233 22.59 -44.62 17.76
CA ASN B 233 22.15 -43.87 18.93
C ASN B 233 23.28 -43.13 19.66
N ARG B 234 24.39 -42.92 18.95
CA ARG B 234 25.43 -42.03 19.42
C ARG B 234 25.95 -42.37 20.85
N HIS B 235 26.25 -43.62 21.09
CA HIS B 235 26.90 -43.99 22.33
C HIS B 235 28.22 -43.27 22.40
N LEU B 236 28.55 -42.76 23.57
CA LEU B 236 29.71 -41.91 23.71
C LEU B 236 31.02 -42.62 23.36
N SER B 237 31.19 -43.85 23.83
CA SER B 237 32.43 -44.53 23.53
C SER B 237 32.49 -44.87 22.02
N ALA B 238 31.35 -45.10 21.37
CA ALA B 238 31.34 -45.31 19.91
C ALA B 238 31.82 -44.06 19.18
N LEU B 239 31.37 -42.89 19.66
CA LEU B 239 31.77 -41.64 19.07
C LEU B 239 33.24 -41.39 19.28
N GLU B 240 33.76 -41.70 20.44
CA GLU B 240 35.19 -41.64 20.68
C GLU B 240 36.01 -42.57 19.73
N ALA B 241 35.48 -43.77 19.50
CA ALA B 241 36.15 -44.73 18.63
C ALA B 241 36.16 -44.19 17.20
N ILE B 242 35.11 -43.48 16.83
CA ILE B 242 35.04 -42.87 15.51
C ILE B 242 36.07 -41.77 15.34
N TYR B 243 36.17 -40.91 16.35
CA TYR B 243 37.17 -39.86 16.32
C TYR B 243 38.59 -40.41 16.14
N GLU B 244 38.90 -41.51 16.81
CA GLU B 244 40.24 -42.08 16.70
C GLU B 244 40.49 -42.67 15.32
N SER B 245 39.50 -43.35 14.76
CA SER B 245 39.68 -44.08 13.53
C SER B 245 39.43 -43.22 12.30
N GLN B 246 38.62 -42.17 12.41
CA GLN B 246 38.39 -41.27 11.30
C GLN B 246 38.91 -39.85 11.61
N LYS B 247 39.94 -39.74 12.45
CA LYS B 247 40.44 -38.43 12.83
C LYS B 247 40.74 -37.51 11.66
N GLU B 248 41.45 -38.02 10.67
CA GLU B 248 41.80 -37.23 9.53
C GLU B 248 40.59 -36.70 8.79
N PHE B 249 39.66 -37.59 8.47
CA PHE B 249 38.44 -37.20 7.78
C PHE B 249 37.71 -36.05 8.52
N ILE B 250 37.58 -36.19 9.83
CA ILE B 250 36.87 -35.21 10.66
C ILE B 250 37.58 -33.86 10.66
N ASP B 251 38.90 -33.88 10.81
CA ASP B 251 39.66 -32.62 10.79
C ASP B 251 39.60 -31.96 9.43
N LEU B 252 39.62 -32.73 8.35
CA LEU B 252 39.50 -32.16 7.01
C LEU B 252 38.11 -31.60 6.74
N PHE B 253 37.08 -32.30 7.18
CA PHE B 253 35.71 -31.85 7.05
C PHE B 253 35.50 -30.48 7.70
N ILE B 254 36.00 -30.36 8.92
CA ILE B 254 35.94 -29.13 9.69
C ILE B 254 36.73 -28.03 9.02
N ALA B 255 37.95 -28.35 8.58
CA ALA B 255 38.75 -27.37 7.85
C ALA B 255 38.03 -26.89 6.58
N LYS B 256 37.37 -27.79 5.87
CA LYS B 256 36.63 -27.40 4.65
C LYS B 256 35.45 -26.48 4.94
N GLN B 257 34.79 -26.71 6.06
CA GLN B 257 33.75 -25.82 6.49
C GLN B 257 34.30 -24.43 6.87
N PHE B 258 35.52 -24.40 7.43
CA PHE B 258 36.16 -23.15 7.74
C PHE B 258 36.43 -22.41 6.46
N LEU B 259 36.87 -23.11 5.42
CA LEU B 259 37.26 -22.44 4.17
C LEU B 259 36.03 -21.87 3.45
N PHE B 260 34.94 -22.62 3.45
CA PHE B 260 33.65 -22.11 2.97
C PHE B 260 33.23 -20.87 3.71
N GLN B 261 33.29 -20.91 5.03
CA GLN B 261 32.89 -19.81 5.86
C GLN B 261 33.69 -18.56 5.59
N ARG B 262 34.98 -18.74 5.47
CA ARG B 262 35.86 -17.65 5.24
C ARG B 262 35.57 -17.01 3.88
N GLN B 263 35.35 -17.85 2.85
CA GLN B 263 35.15 -17.31 1.53
C GLN B 263 33.80 -16.65 1.40
N TRP B 264 32.80 -17.28 2.01
CA TRP B 264 31.46 -16.69 2.03
C TRP B 264 31.44 -15.38 2.79
N GLN B 265 32.11 -15.32 3.93
CA GLN B 265 32.13 -14.05 4.71
C GLN B 265 32.81 -12.97 3.89
N LYS B 266 33.79 -13.34 3.07
CA LYS B 266 34.46 -12.31 2.29
C LYS B 266 33.48 -11.81 1.22
N VAL B 267 32.73 -12.71 0.61
CA VAL B 267 31.74 -12.29 -0.38
C VAL B 267 30.72 -11.41 0.29
N ARG B 268 30.31 -11.77 1.49
CA ARG B 268 29.27 -11.01 2.19
C ARG B 268 29.72 -9.61 2.64
N GLU B 269 30.99 -9.49 3.05
CA GLU B 269 31.55 -8.18 3.40
C GLU B 269 31.70 -7.30 2.15
N TYR B 270 32.09 -7.93 1.04
CA TYR B 270 32.26 -7.19 -0.18
C TYR B 270 30.91 -6.65 -0.63
N ALA B 271 29.87 -7.48 -0.57
CA ALA B 271 28.51 -7.02 -0.83
C ALA B 271 28.11 -5.83 0.03
N ARG B 272 28.36 -5.91 1.32
CA ARG B 272 27.99 -4.83 2.21
C ARG B 272 28.75 -3.55 1.86
N ARG B 273 30.04 -3.69 1.53
CA ARG B 273 30.86 -2.52 1.16
C ARG B 273 30.30 -1.88 -0.09
N GLN B 274 29.67 -2.65 -0.96
CA GLN B 274 29.01 -2.11 -2.13
C GLN B 274 27.50 -1.86 -1.95
N GLY B 275 26.99 -1.82 -0.72
CA GLY B 275 25.57 -1.52 -0.52
C GLY B 275 24.60 -2.61 -0.97
N VAL B 276 25.02 -3.87 -0.88
CA VAL B 276 24.14 -4.98 -1.25
C VAL B 276 23.90 -5.86 -0.05
N ASP B 277 22.66 -5.99 0.37
CA ASP B 277 22.26 -6.97 1.37
C ASP B 277 22.08 -8.30 0.64
N ILE B 278 22.36 -9.39 1.34
CA ILE B 278 22.16 -10.74 0.84
C ILE B 278 21.03 -11.45 1.56
N MET B 279 20.10 -11.97 0.74
CA MET B 279 18.94 -12.65 1.20
C MET B 279 19.11 -14.12 0.90
N GLY B 280 19.11 -14.90 1.97
CA GLY B 280 19.26 -16.34 1.89
C GLY B 280 17.92 -17.01 1.81
N ASP B 281 17.95 -18.32 1.92
CA ASP B 281 16.74 -19.11 1.89
C ASP B 281 16.93 -20.34 2.76
N MET B 282 15.86 -20.78 3.40
CA MET B 282 15.91 -22.05 4.13
C MET B 282 14.61 -22.80 4.08
N PRO B 283 14.71 -24.08 3.77
CA PRO B 283 13.47 -24.87 3.79
C PRO B 283 13.03 -25.12 5.21
N ILE B 284 11.73 -25.16 5.43
CA ILE B 284 11.26 -25.37 6.77
C ILE B 284 11.71 -26.76 7.28
N TYR B 285 11.71 -27.76 6.42
CA TYR B 285 12.07 -29.13 6.82
C TYR B 285 13.50 -29.45 6.38
N VAL B 286 14.12 -30.39 7.09
CA VAL B 286 15.46 -30.88 6.79
C VAL B 286 15.28 -32.39 6.46
N GLY B 287 16.22 -32.99 5.75
CA GLY B 287 16.16 -34.42 5.40
C GLY B 287 16.51 -35.41 6.52
N TYR B 288 15.97 -36.64 6.43
CA TYR B 288 16.07 -37.64 7.47
C TYR B 288 17.53 -38.05 7.66
N HIS B 289 18.20 -38.33 6.55
CA HIS B 289 19.58 -38.74 6.61
C HIS B 289 20.46 -37.52 6.74
N SER B 290 20.55 -37.00 7.95
CA SER B 290 21.36 -35.82 8.25
C SER B 290 21.69 -35.80 9.72
N ALA B 291 22.74 -35.07 10.05
CA ALA B 291 23.13 -34.87 11.43
C ALA B 291 22.05 -34.15 12.21
N ASP B 292 21.34 -33.28 11.53
CA ASP B 292 20.26 -32.54 12.13
C ASP B 292 19.27 -33.44 12.81
N VAL B 293 18.94 -34.57 12.19
CA VAL B 293 17.94 -35.44 12.76
C VAL B 293 18.59 -36.43 13.70
N TRP B 294 19.63 -37.10 13.20
CA TRP B 294 20.38 -38.07 13.96
C TRP B 294 20.84 -37.59 15.32
N ALA B 295 21.37 -36.37 15.40
CA ALA B 295 21.89 -35.84 16.65
C ALA B 295 20.83 -35.18 17.55
N ASN B 296 19.57 -35.19 17.12
CA ASN B 296 18.51 -34.49 17.81
C ASN B 296 17.20 -35.25 17.71
N LYS B 297 17.27 -36.56 17.84
CA LYS B 297 16.13 -37.42 17.53
C LYS B 297 14.89 -37.02 18.32
N LYS B 298 15.10 -36.58 19.56
CA LYS B 298 14.00 -36.23 20.45
C LYS B 298 13.21 -35.03 19.95
N HIS B 299 13.84 -34.19 19.14
CA HIS B 299 13.17 -33.02 18.55
C HIS B 299 12.33 -33.33 17.28
N PHE B 300 12.26 -34.60 16.89
CA PHE B 300 11.50 -35.06 15.72
C PHE B 300 10.49 -36.15 16.10
N LEU B 301 9.58 -36.42 15.17
CA LEU B 301 8.53 -37.42 15.36
C LEU B 301 8.99 -38.77 14.80
N LEU B 302 9.83 -39.40 15.60
CA LEU B 302 10.40 -40.70 15.31
C LEU B 302 9.82 -41.72 16.29
N ASN B 303 9.65 -42.96 15.85
CA ASN B 303 9.30 -44.06 16.75
C ASN B 303 10.48 -44.46 17.66
N LYS B 304 10.31 -45.54 18.43
CA LYS B 304 11.39 -46.05 19.31
C LYS B 304 12.66 -46.39 18.57
N LYS B 305 12.51 -46.90 17.35
CA LYS B 305 13.65 -47.35 16.57
C LYS B 305 14.28 -46.22 15.75
N GLY B 306 13.81 -44.98 15.93
CA GLY B 306 14.29 -43.85 15.13
C GLY B 306 13.73 -43.71 13.71
N PHE B 307 12.59 -44.34 13.42
CA PHE B 307 11.94 -44.20 12.13
C PHE B 307 10.81 -43.19 12.23
N PRO B 308 10.67 -42.32 11.21
CA PRO B 308 9.62 -41.28 11.34
C PRO B 308 8.23 -41.90 11.46
N LEU B 309 7.45 -41.41 12.42
CA LEU B 309 6.03 -41.78 12.53
C LEU B 309 5.27 -41.12 11.40
N LEU B 310 5.49 -39.81 11.24
CA LEU B 310 4.82 -38.98 10.23
C LEU B 310 5.83 -38.21 9.37
N VAL B 311 5.49 -38.03 8.10
CA VAL B 311 6.34 -37.28 7.22
C VAL B 311 5.60 -36.11 6.58
N SER B 312 6.38 -35.18 6.03
CA SER B 312 5.82 -33.95 5.47
C SER B 312 5.15 -34.17 4.13
N GLY B 313 4.32 -33.19 3.75
CA GLY B 313 3.67 -33.13 2.45
C GLY B 313 2.63 -32.01 2.38
N VAL B 314 1.83 -32.05 1.31
CA VAL B 314 0.66 -31.20 1.13
C VAL B 314 -0.44 -31.97 0.45
N PRO B 315 -1.70 -31.68 0.79
CA PRO B 315 -2.83 -32.32 0.12
C PRO B 315 -3.04 -31.81 -1.33
N PRO B 316 -4.07 -32.31 -2.03
CA PRO B 316 -4.47 -31.74 -3.34
C PRO B 316 -4.49 -30.22 -3.41
N GLY B 323 -2.39 -36.00 -3.69
CA GLY B 323 -1.64 -34.99 -2.94
C GLY B 323 -0.17 -35.00 -3.33
N GLN B 324 0.68 -34.31 -2.55
CA GLN B 324 2.13 -34.28 -2.80
C GLN B 324 3.00 -34.67 -1.58
N LEU B 325 3.70 -35.78 -1.72
CA LEU B 325 4.44 -36.38 -0.60
C LEU B 325 5.94 -35.99 -0.66
N TRP B 326 6.36 -35.09 0.25
CA TRP B 326 7.74 -34.60 0.32
CA TRP B 326 7.75 -34.62 0.27
C TRP B 326 8.62 -35.63 1.04
N GLY B 327 8.08 -36.16 2.14
CA GLY B 327 8.69 -37.28 2.87
C GLY B 327 9.72 -36.93 3.91
N SER B 328 9.77 -35.65 4.30
CA SER B 328 10.68 -35.23 5.31
C SER B 328 10.13 -35.58 6.66
N PRO B 329 11.04 -35.82 7.58
CA PRO B 329 10.60 -35.99 8.94
C PRO B 329 9.95 -34.72 9.40
N LEU B 330 9.10 -34.84 10.42
CA LEU B 330 8.41 -33.70 10.99
C LEU B 330 8.95 -33.40 12.37
N TYR B 331 8.78 -32.15 12.78
CA TYR B 331 9.22 -31.70 14.08
C TYR B 331 8.26 -32.11 15.19
N ASP B 332 8.80 -32.49 16.34
CA ASP B 332 8.01 -32.68 17.55
C ASP B 332 7.97 -31.34 18.25
N TRP B 333 6.96 -30.55 17.89
CA TRP B 333 6.93 -29.18 18.31
C TRP B 333 6.79 -29.01 19.83
N LYS B 334 6.03 -29.88 20.50
CA LYS B 334 5.86 -29.72 21.95
C LYS B 334 7.10 -30.18 22.69
N ALA B 335 7.79 -31.19 22.15
CA ALA B 335 9.12 -31.54 22.64
C ALA B 335 10.10 -30.35 22.53
N MET B 336 10.10 -29.70 21.38
CA MET B 336 10.90 -28.50 21.18
C MET B 336 10.53 -27.38 22.17
N GLU B 337 9.23 -27.24 22.41
CA GLU B 337 8.73 -26.28 23.35
C GLU B 337 9.47 -26.40 24.68
N SER B 338 9.80 -27.62 25.09
CA SER B 338 10.39 -27.89 26.41
C SER B 338 11.84 -27.42 26.62
N ASP B 339 12.63 -27.27 25.55
CA ASP B 339 13.97 -26.64 25.69
C ASP B 339 14.01 -25.25 25.01
N GLN B 340 12.86 -24.57 25.01
CA GLN B 340 12.71 -23.23 24.43
C GLN B 340 13.15 -23.18 22.94
N TYR B 341 12.78 -24.24 22.21
CA TYR B 341 12.99 -24.31 20.77
C TYR B 341 14.47 -24.18 20.37
N SER B 342 15.38 -24.77 21.16
CA SER B 342 16.83 -24.50 20.99
C SER B 342 17.38 -24.88 19.62
N TRP B 343 16.79 -25.90 19.01
CA TRP B 343 17.26 -26.37 17.70
C TRP B 343 17.00 -25.33 16.63
N TRP B 344 15.77 -24.81 16.59
CA TRP B 344 15.39 -23.73 15.68
C TRP B 344 16.12 -22.41 15.92
N VAL B 345 16.37 -22.12 17.18
CA VAL B 345 17.09 -20.92 17.54
C VAL B 345 18.51 -21.02 16.97
N ASN B 346 19.16 -22.16 17.12
CA ASN B 346 20.51 -22.35 16.61
C ASN B 346 20.50 -22.21 15.08
N ARG B 347 19.45 -22.73 14.44
CA ARG B 347 19.34 -22.64 12.99
C ARG B 347 19.27 -21.22 12.49
N ILE B 348 18.47 -20.39 13.17
CA ILE B 348 18.36 -18.98 12.84
C ILE B 348 19.68 -18.24 13.11
N ARG B 349 20.40 -18.67 14.12
CA ARG B 349 21.67 -18.04 14.44
C ARG B 349 22.66 -18.29 13.32
N ARG B 350 22.65 -19.50 12.78
CA ARG B 350 23.50 -19.80 11.63
C ARG B 350 23.00 -19.01 10.41
N ALA B 351 21.68 -18.94 10.17
CA ALA B 351 21.17 -18.10 9.09
C ALA B 351 21.61 -16.63 9.19
N GLN B 352 21.67 -16.09 10.41
CA GLN B 352 22.16 -14.70 10.62
C GLN B 352 23.62 -14.53 10.31
N ASP B 353 24.35 -15.58 10.57
CA ASP B 353 25.77 -15.59 10.32
C ASP B 353 26.04 -15.52 8.80
N LEU B 354 25.19 -16.17 8.03
CA LEU B 354 25.35 -16.26 6.57
C LEU B 354 24.71 -15.09 5.77
N TYR B 355 23.57 -14.61 6.24
CA TYR B 355 22.72 -13.71 5.47
C TYR B 355 22.21 -12.50 6.24
N ASP B 356 21.96 -11.40 5.53
CA ASP B 356 21.27 -10.26 6.11
C ASP B 356 19.81 -10.57 6.35
N GLU B 357 19.24 -11.39 5.48
CA GLU B 357 17.80 -11.64 5.50
C GLU B 357 17.56 -13.06 5.01
N CYS B 358 16.44 -13.64 5.36
CA CYS B 358 16.22 -15.00 5.01
C CYS B 358 14.76 -15.31 4.74
N ARG B 359 14.53 -15.90 3.60
CA ARG B 359 13.24 -16.45 3.29
C ARG B 359 13.07 -17.79 3.95
N ILE B 360 11.88 -18.10 4.40
CA ILE B 360 11.60 -19.43 4.87
C ILE B 360 10.57 -20.09 4.00
N ASP B 361 10.99 -21.18 3.37
CA ASP B 361 10.12 -21.86 2.44
C ASP B 361 9.06 -22.58 3.23
N HIS B 362 7.85 -22.57 2.72
CA HIS B 362 6.71 -23.24 3.34
C HIS B 362 6.50 -22.74 4.77
N PHE B 363 6.45 -21.42 4.89
CA PHE B 363 6.25 -20.73 6.14
C PHE B 363 4.90 -21.11 6.78
N ARG B 364 3.92 -21.47 5.96
CA ARG B 364 2.60 -21.92 6.47
C ARG B 364 2.69 -23.08 7.47
N GLY B 365 3.74 -23.89 7.35
CA GLY B 365 3.99 -25.01 8.27
C GLY B 365 4.20 -24.60 9.71
N PHE B 366 4.47 -23.33 9.97
CA PHE B 366 4.57 -22.87 11.34
C PHE B 366 3.20 -22.69 11.98
N ALA B 367 2.16 -22.56 11.16
CA ALA B 367 0.81 -22.41 11.69
C ALA B 367 0.06 -23.74 11.67
N GLY B 368 0.13 -24.43 10.53
CA GLY B 368 -0.42 -25.77 10.39
C GLY B 368 0.36 -26.54 9.33
N PHE B 369 0.57 -27.85 9.54
CA PHE B 369 1.32 -28.67 8.58
C PHE B 369 0.60 -29.96 8.24
N TRP B 370 0.82 -30.43 7.01
CA TRP B 370 0.22 -31.68 6.57
C TRP B 370 1.14 -32.82 7.02
N ALA B 371 0.53 -33.84 7.65
CA ALA B 371 1.26 -34.96 8.23
C ALA B 371 0.74 -36.28 7.66
N VAL B 372 1.65 -36.99 6.99
CA VAL B 372 1.33 -38.24 6.32
C VAL B 372 1.97 -39.36 7.15
N PRO B 373 1.22 -40.47 7.37
CA PRO B 373 1.86 -41.68 7.97
C PRO B 373 3.03 -42.16 7.11
N SER B 374 4.20 -42.33 7.71
CA SER B 374 5.42 -42.72 6.98
C SER B 374 5.19 -44.03 6.23
N GLU B 375 4.32 -44.86 6.79
CA GLU B 375 3.77 -46.03 6.13
C GLU B 375 3.44 -45.74 4.67
N ALA B 376 2.71 -44.67 4.44
CA ALA B 376 2.13 -44.37 3.12
C ALA B 376 3.14 -43.94 2.03
N LYS B 377 2.77 -44.16 0.77
CA LYS B 377 3.49 -43.50 -0.36
C LYS B 377 2.55 -42.78 -1.29
N VAL B 378 1.44 -42.29 -0.74
CA VAL B 378 0.59 -41.28 -1.38
C VAL B 378 0.21 -40.25 -0.32
N ALA B 379 0.17 -38.99 -0.72
CA ALA B 379 -0.03 -37.88 0.21
C ALA B 379 -1.46 -37.70 0.75
N MET B 380 -2.46 -38.03 -0.07
CA MET B 380 -3.87 -37.77 0.26
C MET B 380 -4.33 -38.38 1.61
N VAL B 381 -3.64 -39.42 2.08
CA VAL B 381 -3.92 -40.06 3.38
C VAL B 381 -3.04 -39.45 4.47
N GLY B 382 -3.47 -38.29 4.98
CA GLY B 382 -2.74 -37.53 6.01
C GLY B 382 -3.75 -36.64 6.72
N ARG B 383 -3.28 -35.75 7.59
CA ARG B 383 -4.15 -34.80 8.29
C ARG B 383 -3.40 -33.51 8.71
N TRP B 384 -4.14 -32.41 8.84
CA TRP B 384 -3.53 -31.14 9.25
C TRP B 384 -3.27 -31.15 10.74
N LYS B 385 -2.09 -30.68 11.13
CA LYS B 385 -1.73 -30.59 12.54
C LYS B 385 -1.40 -29.16 12.90
N VAL B 386 -1.54 -28.85 14.18
CA VAL B 386 -1.30 -27.49 14.70
C VAL B 386 0.19 -27.21 14.87
N GLY B 387 0.65 -26.12 14.25
CA GLY B 387 2.03 -25.68 14.38
C GLY B 387 2.27 -24.82 15.62
N PRO B 388 3.52 -24.49 15.89
CA PRO B 388 3.91 -23.78 17.11
C PRO B 388 3.47 -22.36 17.15
N GLY B 389 3.18 -21.76 16.01
CA GLY B 389 2.77 -20.37 15.99
C GLY B 389 3.78 -19.41 16.59
N LYS B 390 3.28 -18.28 17.06
CA LYS B 390 4.10 -17.15 17.45
C LYS B 390 5.10 -17.44 18.58
N SER B 391 4.80 -18.43 19.41
CA SER B 391 5.67 -18.75 20.53
C SER B 391 7.07 -19.17 20.03
N LEU B 392 7.14 -19.82 18.88
CA LEU B 392 8.42 -20.05 18.20
C LEU B 392 9.21 -18.76 17.96
N PHE B 393 8.57 -17.77 17.37
CA PHE B 393 9.28 -16.51 17.04
C PHE B 393 9.56 -15.66 18.26
N ASP B 394 8.72 -15.80 19.28
CA ASP B 394 9.07 -15.26 20.59
C ASP B 394 10.41 -15.82 21.04
N ALA B 395 10.51 -17.13 21.06
CA ALA B 395 11.73 -17.80 21.52
C ALA B 395 12.94 -17.37 20.68
N ILE B 396 12.76 -17.33 19.37
CA ILE B 396 13.84 -16.92 18.49
C ILE B 396 14.31 -15.50 18.77
N SER B 397 13.36 -14.58 18.88
CA SER B 397 13.74 -13.21 19.12
C SER B 397 14.36 -13.06 20.52
N LYS B 398 13.83 -13.80 21.49
CA LYS B 398 14.44 -13.84 22.83
C LYS B 398 15.87 -14.36 22.75
N GLY B 399 16.10 -15.34 21.88
CA GLY B 399 17.41 -15.96 21.77
C GLY B 399 18.42 -15.27 20.88
N VAL B 400 17.95 -14.65 19.80
CA VAL B 400 18.81 -14.10 18.75
C VAL B 400 18.67 -12.59 18.57
N GLY B 401 17.56 -12.02 19.03
CA GLY B 401 17.27 -10.60 18.81
C GLY B 401 16.46 -10.33 17.55
N LYS B 402 16.73 -9.19 16.92
CA LYS B 402 15.97 -8.76 15.74
C LYS B 402 16.36 -9.64 14.57
N ILE B 403 15.36 -10.13 13.85
CA ILE B 403 15.55 -10.99 12.69
C ILE B 403 14.87 -10.35 11.48
N LYS B 404 15.34 -10.69 10.27
CA LYS B 404 14.65 -10.30 9.05
C LYS B 404 14.30 -11.51 8.20
N ILE B 405 13.05 -11.89 8.29
CA ILE B 405 12.49 -13.09 7.70
C ILE B 405 11.51 -12.69 6.60
N ILE B 406 11.49 -13.46 5.51
CA ILE B 406 10.49 -13.33 4.48
C ILE B 406 9.68 -14.61 4.51
N ALA B 407 8.34 -14.48 4.58
CA ALA B 407 7.46 -15.64 4.54
C ALA B 407 7.18 -16.08 3.10
N GLU B 408 7.58 -17.29 2.72
CA GLU B 408 7.09 -17.87 1.48
C GLU B 408 5.69 -18.35 1.80
N ASP B 409 4.70 -17.67 1.25
CA ASP B 409 3.30 -17.86 1.64
C ASP B 409 2.43 -18.07 0.39
N LEU B 410 2.94 -18.83 -0.57
CA LEU B 410 2.24 -19.06 -1.82
C LEU B 410 1.25 -20.24 -1.78
N GLY B 411 0.39 -20.26 -2.81
CA GLY B 411 -0.64 -21.28 -2.91
C GLY B 411 -1.78 -20.97 -1.95
N VAL B 412 -2.62 -21.96 -1.72
CA VAL B 412 -3.79 -21.79 -0.90
C VAL B 412 -3.35 -21.89 0.57
N ILE B 413 -3.59 -20.81 1.29
CA ILE B 413 -3.17 -20.70 2.66
C ILE B 413 -4.36 -20.26 3.50
N THR B 414 -4.35 -20.62 4.76
CA THR B 414 -5.48 -20.43 5.64
C THR B 414 -5.30 -19.19 6.50
N LYS B 415 -6.38 -18.80 7.16
CA LYS B 415 -6.47 -17.56 7.96
C LYS B 415 -5.34 -17.45 8.99
N ASP B 416 -5.06 -18.56 9.66
CA ASP B 416 -4.01 -18.61 10.69
C ASP B 416 -2.62 -18.31 10.15
N VAL B 417 -2.38 -18.64 8.88
CA VAL B 417 -1.08 -18.35 8.25
C VAL B 417 -0.91 -16.86 8.14
N VAL B 418 -1.94 -16.21 7.63
CA VAL B 418 -1.92 -14.75 7.45
C VAL B 418 -1.82 -14.04 8.80
N GLU B 419 -2.56 -14.50 9.81
CA GLU B 419 -2.49 -13.87 11.14
C GLU B 419 -1.11 -14.09 11.79
N LEU B 420 -0.51 -15.25 11.62
CA LEU B 420 0.84 -15.45 12.16
C LEU B 420 1.88 -14.55 11.48
N ARG B 421 1.83 -14.53 10.16
CA ARG B 421 2.77 -13.72 9.41
C ARG B 421 2.66 -12.27 9.81
N LYS B 422 1.45 -11.76 9.87
CA LYS B 422 1.26 -10.37 10.31
C LYS B 422 1.71 -10.13 11.76
N SER B 423 1.47 -11.10 12.65
CA SER B 423 1.80 -10.90 14.05
C SER B 423 3.30 -10.69 14.30
N ILE B 424 4.16 -11.26 13.46
CA ILE B 424 5.61 -11.02 13.57
C ILE B 424 6.14 -9.99 12.57
N GLY B 425 5.26 -9.41 11.73
CA GLY B 425 5.62 -8.36 10.79
C GLY B 425 6.49 -8.83 9.64
N ALA B 426 6.40 -10.10 9.28
CA ALA B 426 7.18 -10.60 8.17
C ALA B 426 6.48 -10.28 6.83
N PRO B 427 7.24 -9.84 5.80
CA PRO B 427 6.61 -9.66 4.50
C PRO B 427 6.36 -11.00 3.84
N GLY B 428 5.31 -11.05 3.03
CA GLY B 428 5.00 -12.22 2.24
C GLY B 428 5.43 -11.94 0.81
N MET B 429 4.95 -12.78 -0.08
CA MET B 429 5.39 -12.71 -1.47
C MET B 429 4.25 -12.41 -2.46
N ALA B 430 4.62 -11.82 -3.58
CA ALA B 430 3.77 -11.73 -4.72
C ALA B 430 4.60 -12.17 -5.90
N VAL B 431 3.99 -12.88 -6.84
CA VAL B 431 4.66 -13.42 -8.02
C VAL B 431 3.84 -13.11 -9.27
N LEU B 432 4.35 -12.26 -10.15
CA LEU B 432 3.55 -11.77 -11.26
C LEU B 432 3.11 -12.87 -12.23
N GLN B 433 3.88 -13.95 -12.35
CA GLN B 433 3.52 -15.11 -13.19
C GLN B 433 2.19 -15.81 -12.82
N PHE B 434 1.74 -15.58 -11.59
CA PHE B 434 0.50 -16.12 -11.08
C PHE B 434 -0.64 -15.11 -11.11
N ALA B 435 -0.43 -13.93 -11.69
CA ALA B 435 -1.38 -12.84 -11.54
C ALA B 435 -2.61 -12.88 -12.45
N PHE B 436 -2.61 -13.73 -13.46
CA PHE B 436 -3.55 -13.59 -14.58
C PHE B 436 -4.58 -14.72 -14.71
N GLY B 437 -4.62 -15.60 -13.72
CA GLY B 437 -5.73 -16.54 -13.61
C GLY B 437 -6.73 -15.87 -12.68
N GLY B 438 -7.98 -16.29 -12.78
CA GLY B 438 -9.04 -15.71 -11.97
C GLY B 438 -9.26 -14.26 -12.33
N GLY B 439 -9.80 -13.53 -11.37
CA GLY B 439 -10.27 -12.19 -11.60
C GLY B 439 -9.39 -11.16 -10.90
N ALA B 440 -9.95 -9.98 -10.73
CA ALA B 440 -9.21 -8.82 -10.29
C ALA B 440 -8.82 -8.85 -8.82
N ASP B 441 -9.34 -9.81 -8.07
CA ASP B 441 -8.95 -10.00 -6.68
C ASP B 441 -7.71 -10.90 -6.49
N ASN B 442 -7.12 -11.41 -7.57
CA ASN B 442 -5.88 -12.16 -7.50
C ASN B 442 -4.81 -11.32 -6.75
N PRO B 443 -4.29 -11.80 -5.60
CA PRO B 443 -3.33 -11.03 -4.76
C PRO B 443 -1.99 -10.69 -5.42
N HIS B 444 -1.71 -11.38 -6.52
CA HIS B 444 -0.50 -11.19 -7.29
C HIS B 444 -0.59 -10.09 -8.32
N LEU B 445 -1.79 -9.53 -8.52
CA LEU B 445 -1.93 -8.34 -9.38
C LEU B 445 -1.41 -7.09 -8.63
N PRO B 446 -0.60 -6.23 -9.31
CA PRO B 446 -0.01 -5.04 -8.70
C PRO B 446 -0.94 -4.20 -7.84
N HIS B 447 -2.17 -3.99 -8.29
CA HIS B 447 -3.11 -3.17 -7.50
C HIS B 447 -3.54 -3.81 -6.18
N ASN B 448 -3.32 -5.11 -6.01
CA ASN B 448 -3.50 -5.78 -4.71
C ASN B 448 -2.23 -5.97 -3.90
N HIS B 449 -1.08 -5.52 -4.41
CA HIS B 449 0.18 -5.66 -3.63
C HIS B 449 0.11 -4.81 -2.40
N GLU B 450 0.92 -5.18 -1.42
CA GLU B 450 1.07 -4.45 -0.17
C GLU B 450 2.52 -3.95 -0.10
N VAL B 451 2.75 -3.01 0.80
CA VAL B 451 4.05 -2.43 0.94
C VAL B 451 5.00 -3.43 1.56
N ASN B 452 4.59 -4.06 2.67
CA ASN B 452 5.45 -4.97 3.36
C ASN B 452 5.32 -6.32 2.66
N GLN B 453 6.05 -6.43 1.56
CA GLN B 453 5.93 -7.50 0.63
C GLN B 453 7.11 -7.52 -0.31
N VAL B 454 7.44 -8.72 -0.77
CA VAL B 454 8.44 -8.90 -1.78
C VAL B 454 7.77 -9.39 -3.08
N VAL B 455 7.91 -8.60 -4.15
CA VAL B 455 7.38 -8.97 -5.44
C VAL B 455 8.48 -9.53 -6.34
N TYR B 456 8.18 -10.67 -6.95
CA TYR B 456 8.99 -11.32 -7.98
C TYR B 456 8.28 -11.36 -9.33
N SER B 457 9.07 -11.45 -10.39
CA SER B 457 8.56 -11.85 -11.70
C SER B 457 8.27 -13.33 -11.70
N GLY B 458 9.21 -14.08 -11.16
CA GLY B 458 9.02 -15.50 -10.91
C GLY B 458 10.10 -15.93 -9.93
N THR B 459 9.96 -17.14 -9.38
CA THR B 459 11.05 -17.74 -8.61
C THR B 459 11.81 -18.81 -9.41
N HIS B 460 12.80 -19.40 -8.74
CA HIS B 460 13.57 -20.52 -9.28
C HIS B 460 12.68 -21.73 -9.61
N ASP B 461 11.48 -21.79 -9.06
CA ASP B 461 10.53 -22.89 -9.37
C ASP B 461 9.68 -22.65 -10.64
N ASN B 462 9.74 -21.44 -11.22
CA ASN B 462 8.90 -21.06 -12.33
C ASN B 462 9.77 -21.05 -13.56
N ASP B 463 9.14 -21.15 -14.70
CA ASP B 463 9.83 -20.93 -15.96
C ASP B 463 10.33 -19.50 -15.98
N THR B 464 11.20 -19.19 -16.92
CA THR B 464 11.54 -17.79 -17.17
C THR B 464 10.31 -17.12 -17.72
N ILE B 465 10.31 -15.79 -17.68
CA ILE B 465 9.16 -15.05 -18.19
C ILE B 465 8.91 -15.34 -19.66
N ARG B 466 9.97 -15.40 -20.46
CA ARG B 466 9.78 -15.79 -21.86
C ARG B 466 9.20 -17.19 -22.03
N GLY B 467 9.67 -18.15 -21.22
CA GLY B 467 9.18 -19.53 -21.33
C GLY B 467 7.73 -19.62 -20.91
N TRP B 468 7.43 -18.95 -19.79
CA TRP B 468 6.06 -18.79 -19.29
C TRP B 468 5.14 -18.12 -20.30
N TRP B 469 5.58 -17.02 -20.90
CA TRP B 469 4.78 -16.37 -21.94
C TRP B 469 4.43 -17.32 -23.10
N ASP B 470 5.44 -18.09 -23.50
CA ASP B 470 5.38 -19.00 -24.64
C ASP B 470 4.38 -20.14 -24.48
N THR B 471 4.12 -20.56 -23.26
CA THR B 471 3.14 -21.63 -23.02
C THR B 471 1.88 -21.08 -22.40
N LEU B 472 1.78 -19.77 -22.31
CA LEU B 472 0.63 -19.20 -21.67
C LEU B 472 -0.60 -19.38 -22.53
N ASP B 473 -1.70 -19.79 -21.90
CA ASP B 473 -2.94 -20.01 -22.62
C ASP B 473 -3.61 -18.66 -22.93
N GLN B 474 -4.48 -18.62 -23.93
CA GLN B 474 -5.08 -17.35 -24.40
C GLN B 474 -5.91 -16.48 -23.41
N GLU B 475 -6.84 -17.05 -22.63
CA GLU B 475 -7.58 -16.27 -21.61
C GLU B 475 -6.58 -15.47 -20.76
N GLU B 476 -5.56 -16.16 -20.27
CA GLU B 476 -4.59 -15.57 -19.36
C GLU B 476 -3.73 -14.56 -20.12
N LYS B 477 -3.38 -14.86 -21.36
CA LYS B 477 -2.50 -13.96 -22.11
C LYS B 477 -3.10 -12.59 -22.47
N SER B 478 -4.33 -12.55 -22.98
CA SER B 478 -4.95 -11.27 -23.28
C SER B 478 -5.30 -10.50 -22.01
N LYS B 479 -5.55 -11.23 -20.91
CA LYS B 479 -5.66 -10.63 -19.58
C LYS B 479 -4.35 -9.88 -19.24
N ALA B 480 -3.23 -10.57 -19.38
CA ALA B 480 -1.91 -9.97 -19.15
C ALA B 480 -1.64 -8.76 -20.03
N MET B 481 -2.03 -8.84 -21.29
CA MET B 481 -1.81 -7.74 -22.23
C MET B 481 -2.52 -6.44 -21.85
N LYS B 482 -3.67 -6.55 -21.20
CA LYS B 482 -4.36 -5.40 -20.64
C LYS B 482 -3.73 -4.78 -19.42
N TYR B 483 -3.02 -5.55 -18.60
CA TYR B 483 -2.42 -5.01 -17.39
C TYR B 483 -1.02 -4.56 -17.65
N LEU B 484 -0.29 -5.28 -18.48
CA LEU B 484 1.14 -4.98 -18.67
C LEU B 484 1.34 -4.04 -19.86
N SER B 485 2.46 -3.34 -19.83
CA SER B 485 2.85 -2.51 -20.95
C SER B 485 3.82 -3.34 -21.84
N ILE B 486 3.30 -3.94 -22.91
CA ILE B 486 4.10 -4.88 -23.72
C ILE B 486 4.47 -4.31 -25.07
N ALA B 487 5.74 -4.45 -25.42
CA ALA B 487 6.22 -4.07 -26.73
C ALA B 487 6.30 -5.37 -27.53
N GLY B 488 7.48 -5.77 -28.00
CA GLY B 488 7.65 -7.02 -28.74
C GLY B 488 7.73 -8.19 -27.79
N GLU B 489 7.35 -9.37 -28.27
CA GLU B 489 7.46 -10.61 -27.50
C GLU B 489 8.89 -10.89 -27.04
N ASP B 490 9.87 -10.47 -27.84
CA ASP B 490 11.27 -10.66 -27.50
C ASP B 490 11.65 -9.99 -26.18
N ASP B 491 10.86 -8.99 -25.76
CA ASP B 491 11.15 -8.22 -24.56
C ASP B 491 10.11 -8.38 -23.47
N ILE B 492 9.30 -9.42 -23.59
CA ILE B 492 8.28 -9.71 -22.60
C ILE B 492 8.84 -9.72 -21.19
N SER B 493 10.07 -10.18 -21.00
CA SER B 493 10.63 -10.15 -19.64
C SER B 493 10.82 -8.74 -19.06
N TRP B 494 11.13 -7.75 -19.88
CA TRP B 494 11.23 -6.36 -19.39
C TRP B 494 9.89 -5.76 -19.03
N SER B 495 8.84 -6.22 -19.71
CA SER B 495 7.48 -5.76 -19.40
C SER B 495 7.10 -6.19 -18.02
N VAL B 496 7.43 -7.43 -17.70
CA VAL B 496 7.11 -7.94 -16.39
C VAL B 496 8.03 -7.31 -15.33
N ILE B 497 9.30 -7.15 -15.67
CA ILE B 497 10.26 -6.51 -14.74
C ILE B 497 9.74 -5.12 -14.33
N GLN B 498 9.31 -4.37 -15.33
CA GLN B 498 8.80 -3.05 -15.12
C GLN B 498 7.58 -3.08 -14.19
N ALA B 499 6.68 -4.02 -14.38
CA ALA B 499 5.50 -4.11 -13.51
C ALA B 499 5.90 -4.42 -12.09
N ALA B 500 6.89 -5.28 -11.92
CA ALA B 500 7.37 -5.55 -10.58
C ALA B 500 7.92 -4.28 -9.99
N PHE B 501 8.73 -3.55 -10.75
CA PHE B 501 9.35 -2.36 -10.20
C PHE B 501 8.33 -1.26 -9.90
N SER B 502 7.26 -1.17 -10.68
CA SER B 502 6.20 -0.17 -10.43
C SER B 502 5.30 -0.47 -9.24
N SER B 503 5.39 -1.68 -8.70
CA SER B 503 4.61 -2.04 -7.54
C SER B 503 4.90 -1.20 -6.28
N THR B 504 3.91 -1.10 -5.42
CA THR B 504 4.09 -0.57 -4.08
C THR B 504 4.89 -1.46 -3.11
N ALA B 505 5.10 -2.74 -3.47
CA ALA B 505 5.91 -3.61 -2.66
C ALA B 505 7.30 -3.01 -2.47
N GLN B 506 7.80 -3.12 -1.27
CA GLN B 506 9.01 -2.42 -0.91
C GLN B 506 10.23 -3.04 -1.57
N THR B 507 10.15 -4.34 -1.87
CA THR B 507 11.28 -5.08 -2.45
C THR B 507 10.82 -5.81 -3.73
N ALA B 508 11.50 -5.56 -4.87
CA ALA B 508 11.29 -6.27 -6.13
C ALA B 508 12.51 -7.10 -6.47
N ILE B 509 12.30 -8.38 -6.76
CA ILE B 509 13.39 -9.31 -7.02
C ILE B 509 13.19 -10.00 -8.36
N ILE B 510 14.20 -9.95 -9.22
CA ILE B 510 14.15 -10.51 -10.57
C ILE B 510 15.23 -11.61 -10.72
N PRO B 511 14.87 -12.81 -11.19
CA PRO B 511 15.90 -13.79 -11.59
C PRO B 511 16.83 -13.30 -12.69
N MET B 512 18.12 -13.62 -12.60
CA MET B 512 19.07 -13.22 -13.60
C MET B 512 18.65 -13.71 -15.00
N GLN B 513 18.02 -14.87 -15.08
CA GLN B 513 17.58 -15.37 -16.39
C GLN B 513 16.67 -14.41 -17.13
N ASP B 514 15.81 -13.71 -16.40
CA ASP B 514 14.89 -12.75 -17.01
C ASP B 514 15.57 -11.45 -17.39
N ILE B 515 16.52 -11.00 -16.61
CA ILE B 515 17.35 -9.86 -17.05
C ILE B 515 18.08 -10.19 -18.34
N LEU B 516 18.43 -11.45 -18.54
CA LEU B 516 19.13 -11.86 -19.76
C LEU B 516 18.19 -12.25 -20.88
N GLY B 517 16.89 -12.15 -20.64
CA GLY B 517 15.86 -12.43 -21.64
C GLY B 517 15.87 -13.85 -22.16
N LEU B 518 16.12 -14.83 -21.29
CA LEU B 518 16.32 -16.21 -21.74
C LEU B 518 15.04 -17.05 -21.72
N GLY B 519 15.01 -18.09 -22.54
CA GLY B 519 13.88 -19.00 -22.67
C GLY B 519 13.88 -20.13 -21.67
N SER B 520 12.98 -21.09 -21.90
CA SER B 520 12.72 -22.18 -20.95
C SER B 520 13.91 -23.05 -20.62
N SER B 521 14.89 -23.08 -21.50
CA SER B 521 16.09 -23.88 -21.23
C SER B 521 16.90 -23.33 -20.06
N ALA B 522 16.66 -22.09 -19.65
CA ALA B 522 17.37 -21.53 -18.50
C ALA B 522 16.58 -21.65 -17.20
N ARG B 523 15.48 -22.39 -17.22
CA ARG B 523 14.68 -22.57 -16.05
C ARG B 523 15.52 -23.30 -15.02
N MET B 524 15.52 -22.80 -13.79
CA MET B 524 16.34 -23.38 -12.75
C MET B 524 15.77 -24.71 -12.26
N ASN B 525 14.47 -24.74 -11.95
CA ASN B 525 13.83 -25.97 -11.43
C ASN B 525 12.39 -26.13 -11.91
N THR B 526 11.97 -27.39 -12.12
CA THR B 526 10.59 -27.76 -12.44
C THR B 526 10.15 -28.70 -11.34
N PRO B 527 9.25 -28.25 -10.44
CA PRO B 527 8.88 -29.08 -9.29
C PRO B 527 8.32 -30.45 -9.67
N ALA B 528 8.60 -31.43 -8.81
CA ALA B 528 8.16 -32.81 -8.97
C ALA B 528 8.76 -33.47 -10.20
N THR B 529 9.94 -33.01 -10.62
CA THR B 529 10.82 -33.76 -11.53
C THR B 529 12.11 -34.01 -10.77
N GLU B 530 12.84 -35.05 -11.14
CA GLU B 530 14.00 -35.51 -10.36
C GLU B 530 15.32 -35.33 -11.12
N VAL B 531 15.28 -34.79 -12.33
CA VAL B 531 16.46 -34.78 -13.21
C VAL B 531 16.44 -33.54 -14.11
N GLY B 532 17.60 -32.97 -14.38
CA GLY B 532 17.71 -31.77 -15.20
C GLY B 532 17.49 -30.43 -14.49
N ASN B 533 17.51 -30.45 -13.16
CA ASN B 533 17.32 -29.23 -12.39
C ASN B 533 18.61 -28.66 -11.76
N TRP B 534 18.56 -27.38 -11.39
CA TRP B 534 19.64 -26.74 -10.64
C TRP B 534 20.96 -26.61 -11.41
N GLY B 535 20.93 -26.83 -12.71
CA GLY B 535 22.14 -26.85 -13.53
C GLY B 535 22.45 -25.56 -14.27
N TRP B 536 21.54 -24.60 -14.31
CA TRP B 536 21.73 -23.42 -15.15
C TRP B 536 22.96 -22.58 -14.76
N ARG B 537 23.73 -22.19 -15.76
CA ARG B 537 24.83 -21.29 -15.57
C ARG B 537 24.70 -20.19 -16.57
N ILE B 538 25.14 -19.02 -16.18
CA ILE B 538 25.25 -17.91 -17.08
C ILE B 538 26.10 -18.38 -18.25
N PRO B 539 25.61 -18.19 -19.51
CA PRO B 539 26.40 -18.58 -20.71
C PRO B 539 27.83 -18.00 -20.72
N SER B 540 28.79 -18.83 -21.06
CA SER B 540 30.20 -18.45 -20.95
C SER B 540 30.56 -17.21 -21.77
N SER B 541 29.71 -16.86 -22.73
CA SER B 541 29.85 -15.67 -23.57
C SER B 541 29.46 -14.36 -22.89
N THR B 542 28.52 -14.43 -21.95
CA THR B 542 27.98 -13.26 -21.26
C THR B 542 28.82 -12.89 -20.01
N SER B 543 29.66 -11.86 -20.10
CA SER B 543 30.43 -11.41 -18.93
C SER B 543 29.77 -10.15 -18.35
N PHE B 544 30.09 -9.82 -17.08
CA PHE B 544 29.45 -8.65 -16.43
C PHE B 544 29.94 -7.31 -17.05
N ASP B 545 31.11 -7.36 -17.67
CA ASP B 545 31.60 -6.28 -18.53
C ASP B 545 30.77 -6.08 -19.80
N ASN B 546 29.82 -6.96 -20.05
CA ASN B 546 29.11 -7.02 -21.31
C ASN B 546 27.64 -6.77 -21.13
N LEU B 547 27.25 -6.27 -19.96
CA LEU B 547 25.83 -6.14 -19.66
C LEU B 547 25.51 -4.71 -19.25
N GLU B 548 26.24 -3.76 -19.82
CA GLU B 548 26.00 -2.36 -19.48
C GLU B 548 24.64 -1.86 -19.97
N THR B 549 24.20 -2.34 -21.14
CA THR B 549 22.88 -1.98 -21.63
C THR B 549 21.84 -2.45 -20.66
N GLU B 550 21.99 -3.68 -20.22
CA GLU B 550 21.04 -4.25 -19.27
C GLU B 550 21.09 -3.48 -17.96
N SER B 551 22.30 -3.13 -17.54
CA SER B 551 22.50 -2.37 -16.33
C SER B 551 21.78 -1.04 -16.37
N ASP B 552 21.98 -0.30 -17.47
CA ASP B 552 21.40 1.03 -17.71
C ASP B 552 19.90 0.98 -17.73
N ARG B 553 19.36 -0.02 -18.40
CA ARG B 553 17.95 -0.16 -18.52
C ARG B 553 17.30 -0.44 -17.15
N LEU B 554 17.92 -1.28 -16.34
CA LEU B 554 17.44 -1.48 -14.95
C LEU B 554 17.55 -0.21 -14.13
N ARG B 555 18.70 0.45 -14.18
CA ARG B 555 18.87 1.70 -13.46
C ARG B 555 17.81 2.73 -13.86
N ASP B 556 17.49 2.85 -15.15
CA ASP B 556 16.43 3.76 -15.59
C ASP B 556 15.10 3.42 -14.91
N LEU B 557 14.73 2.15 -14.88
CA LEU B 557 13.49 1.70 -14.24
C LEU B 557 13.48 1.90 -12.72
N LEU B 558 14.60 1.59 -12.06
CA LEU B 558 14.69 1.81 -10.62
C LEU B 558 14.60 3.29 -10.26
N SER B 559 15.18 4.12 -11.11
CA SER B 559 15.11 5.57 -10.91
C SER B 559 13.67 6.05 -11.04
N LEU B 560 12.99 5.59 -12.07
CA LEU B 560 11.61 5.97 -12.32
C LEU B 560 10.64 5.53 -11.20
N TYR B 561 10.88 4.37 -10.63
CA TYR B 561 9.99 3.88 -9.59
C TYR B 561 10.54 4.00 -8.18
N GLY B 562 11.51 4.89 -8.00
CA GLY B 562 11.96 5.26 -6.66
C GLY B 562 12.61 4.15 -5.88
N ARG B 563 13.33 3.28 -6.58
CA ARG B 563 14.02 2.16 -5.94
C ARG B 563 15.54 2.31 -5.90
N LEU B 564 16.06 3.50 -6.22
CA LEU B 564 17.49 3.79 -6.08
C LEU B 564 17.96 4.42 -4.75
#